data_2YSB
#
_entry.id   2YSB
#
_entity_poly.entity_id   1
_entity_poly.type   'polypeptide(L)'
_entity_poly.pdbx_seq_one_letter_code
;GSSGSSGEDLPLPPGWSVDWTMRGRKYYIDHNTNTTHWSHPLESGPSSG
;
_entity_poly.pdbx_strand_id   A
#
# COMPACT_ATOMS: atom_id res chain seq x y z
N GLY A 1 10.95 17.37 8.04
CA GLY A 1 11.25 15.99 7.69
C GLY A 1 10.24 15.40 6.72
N SER A 2 9.59 14.32 7.13
CA SER A 2 8.60 13.66 6.29
C SER A 2 7.22 14.30 6.47
N SER A 3 6.52 14.49 5.35
CA SER A 3 5.20 15.10 5.37
C SER A 3 4.41 14.62 6.58
N GLY A 4 4.16 13.32 6.65
CA GLY A 4 3.41 12.75 7.75
C GLY A 4 3.11 11.28 7.57
N SER A 5 4.16 10.46 7.54
CA SER A 5 4.01 9.02 7.36
C SER A 5 3.00 8.72 6.26
N SER A 6 3.08 9.49 5.17
CA SER A 6 2.17 9.30 4.04
C SER A 6 2.49 8.01 3.29
N GLY A 7 3.77 7.78 3.04
CA GLY A 7 4.19 6.59 2.33
C GLY A 7 5.67 6.59 2.02
N GLU A 8 6.25 5.40 1.83
CA GLU A 8 7.66 5.27 1.53
C GLU A 8 7.87 4.57 0.19
N ASP A 9 6.84 4.59 -0.65
CA ASP A 9 6.90 3.97 -1.97
C ASP A 9 7.71 2.69 -1.91
N LEU A 10 7.55 1.93 -0.84
CA LEU A 10 8.27 0.67 -0.66
C LEU A 10 8.15 -0.20 -1.91
N PRO A 11 9.11 -1.12 -2.08
CA PRO A 11 9.13 -2.03 -3.23
C PRO A 11 8.00 -3.06 -3.16
N LEU A 12 6.82 -2.68 -3.62
CA LEU A 12 5.66 -3.57 -3.61
C LEU A 12 6.05 -4.95 -4.14
N PRO A 13 5.43 -5.99 -3.57
CA PRO A 13 5.68 -7.38 -3.95
C PRO A 13 5.12 -7.70 -5.35
N PRO A 14 5.53 -8.86 -5.88
CA PRO A 14 5.08 -9.30 -7.21
C PRO A 14 3.60 -9.69 -7.22
N GLY A 15 2.79 -8.87 -7.89
CA GLY A 15 1.37 -9.14 -7.97
C GLY A 15 0.53 -7.98 -7.45
N TRP A 16 1.17 -7.03 -6.79
CA TRP A 16 0.48 -5.87 -6.25
C TRP A 16 0.59 -4.68 -7.20
N SER A 17 -0.35 -3.75 -7.07
CA SER A 17 -0.37 -2.56 -7.93
C SER A 17 -1.07 -1.40 -7.22
N VAL A 18 -0.38 -0.27 -7.12
CA VAL A 18 -0.94 0.92 -6.48
C VAL A 18 -1.63 1.82 -7.50
N ASP A 19 -2.68 2.50 -7.05
CA ASP A 19 -3.43 3.40 -7.91
C ASP A 19 -4.07 4.52 -7.11
N TRP A 20 -4.13 5.71 -7.71
CA TRP A 20 -4.72 6.87 -7.04
C TRP A 20 -6.17 7.08 -7.49
N THR A 21 -7.07 7.21 -6.53
CA THR A 21 -8.48 7.42 -6.82
C THR A 21 -8.75 8.86 -7.22
N MET A 22 -9.93 9.10 -7.78
CA MET A 22 -10.32 10.45 -8.20
C MET A 22 -10.00 11.47 -7.12
N ARG A 23 -10.45 11.19 -5.90
CA ARG A 23 -10.22 12.10 -4.78
C ARG A 23 -8.73 12.45 -4.67
N GLY A 24 -7.88 11.44 -4.66
CA GLY A 24 -6.46 11.66 -4.56
C GLY A 24 -5.81 10.79 -3.49
N ARG A 25 -6.38 9.62 -3.25
CA ARG A 25 -5.86 8.70 -2.24
C ARG A 25 -5.09 7.56 -2.91
N LYS A 26 -3.98 7.16 -2.29
CA LYS A 26 -3.16 6.09 -2.82
C LYS A 26 -3.50 4.75 -2.15
N TYR A 27 -3.99 3.81 -2.95
CA TYR A 27 -4.36 2.49 -2.43
C TYR A 27 -3.65 1.39 -3.20
N TYR A 28 -3.27 0.33 -2.50
CA TYR A 28 -2.58 -0.80 -3.11
C TYR A 28 -3.55 -1.95 -3.36
N ILE A 29 -3.50 -2.51 -4.57
CA ILE A 29 -4.36 -3.63 -4.93
C ILE A 29 -3.58 -4.94 -4.98
N ASP A 30 -4.18 -5.99 -4.42
CA ASP A 30 -3.54 -7.30 -4.40
C ASP A 30 -4.22 -8.25 -5.39
N HIS A 31 -3.52 -8.56 -6.48
CA HIS A 31 -4.05 -9.46 -7.49
C HIS A 31 -3.90 -10.92 -7.07
N ASN A 32 -3.05 -11.16 -6.08
CA ASN A 32 -2.82 -12.51 -5.58
C ASN A 32 -3.95 -12.95 -4.67
N THR A 33 -4.46 -12.01 -3.86
CA THR A 33 -5.55 -12.31 -2.95
C THR A 33 -6.82 -11.57 -3.36
N ASN A 34 -6.69 -10.63 -4.27
CA ASN A 34 -7.83 -9.85 -4.74
C ASN A 34 -8.39 -8.96 -3.63
N THR A 35 -7.50 -8.22 -2.98
CA THR A 35 -7.89 -7.34 -1.88
C THR A 35 -7.12 -6.03 -1.93
N THR A 36 -7.71 -4.97 -1.39
CA THR A 36 -7.07 -3.66 -1.36
C THR A 36 -6.60 -3.31 0.04
N HIS A 37 -5.61 -2.44 0.13
CA HIS A 37 -5.07 -2.00 1.42
C HIS A 37 -4.65 -0.54 1.37
N TRP A 38 -5.19 0.25 2.29
CA TRP A 38 -4.87 1.68 2.35
C TRP A 38 -3.38 1.89 2.60
N SER A 39 -2.81 1.07 3.49
CA SER A 39 -1.40 1.17 3.82
C SER A 39 -0.59 0.07 3.13
N HIS A 40 0.69 0.34 2.92
CA HIS A 40 1.57 -0.64 2.27
C HIS A 40 1.48 -1.99 2.96
N PRO A 41 1.51 -3.07 2.16
CA PRO A 41 1.43 -4.44 2.67
C PRO A 41 2.70 -4.85 3.41
N LEU A 42 3.78 -4.13 3.15
CA LEU A 42 5.06 -4.43 3.79
C LEU A 42 5.23 -3.61 5.07
N GLU A 43 4.60 -2.44 5.10
CA GLU A 43 4.68 -1.56 6.27
C GLU A 43 4.12 -2.25 7.51
N SER A 44 2.86 -2.66 7.44
CA SER A 44 2.20 -3.33 8.54
C SER A 44 2.39 -4.84 8.46
N GLY A 45 3.20 -5.39 9.36
CA GLY A 45 3.45 -6.82 9.36
C GLY A 45 3.69 -7.37 7.97
N PRO A 46 4.91 -7.17 7.45
CA PRO A 46 5.28 -7.64 6.11
C PRO A 46 5.40 -9.16 6.04
N SER A 47 6.13 -9.74 7.00
CA SER A 47 6.32 -11.18 7.05
C SER A 47 6.70 -11.72 5.68
N SER A 48 7.58 -11.01 4.99
CA SER A 48 8.03 -11.42 3.66
C SER A 48 9.34 -12.20 3.74
N GLY A 49 10.35 -11.58 4.35
CA GLY A 49 11.65 -12.23 4.48
C GLY A 49 12.10 -12.33 5.92
N GLY A 1 -4.62 8.98 13.34
CA GLY A 1 -3.71 10.08 13.11
C GLY A 1 -2.48 9.67 12.32
N SER A 2 -1.89 10.63 11.62
CA SER A 2 -0.71 10.36 10.81
C SER A 2 0.20 11.59 10.74
N SER A 3 1.50 11.37 10.85
CA SER A 3 2.46 12.46 10.80
C SER A 3 2.03 13.53 9.81
N GLY A 4 1.77 13.12 8.57
CA GLY A 4 1.35 14.06 7.55
C GLY A 4 2.06 13.84 6.22
N SER A 5 2.42 14.93 5.57
CA SER A 5 3.12 14.86 4.29
C SER A 5 4.09 13.68 4.26
N SER A 6 3.68 12.59 3.62
CA SER A 6 4.51 11.39 3.53
C SER A 6 4.49 10.84 2.11
N GLY A 7 5.37 9.87 1.85
CA GLY A 7 5.43 9.26 0.54
C GLY A 7 6.32 8.03 0.51
N GLU A 8 5.84 6.95 1.12
CA GLU A 8 6.59 5.70 1.17
C GLU A 8 6.21 4.79 0.00
N ASP A 9 7.06 4.78 -1.02
CA ASP A 9 6.82 3.95 -2.20
C ASP A 9 7.62 2.66 -2.14
N LEU A 10 7.59 2.01 -0.98
CA LEU A 10 8.32 0.76 -0.78
C LEU A 10 8.17 -0.16 -1.99
N PRO A 11 9.12 -1.09 -2.15
CA PRO A 11 9.11 -2.05 -3.26
C PRO A 11 7.99 -3.07 -3.13
N LEU A 12 6.81 -2.72 -3.61
CA LEU A 12 5.65 -3.61 -3.55
C LEU A 12 6.02 -5.00 -4.06
N PRO A 13 5.38 -6.03 -3.48
CA PRO A 13 5.61 -7.42 -3.87
C PRO A 13 5.07 -7.75 -5.26
N PRO A 14 5.46 -8.92 -5.79
CA PRO A 14 5.02 -9.36 -7.11
C PRO A 14 3.54 -9.72 -7.15
N GLY A 15 2.75 -8.88 -7.80
CA GLY A 15 1.32 -9.12 -7.90
C GLY A 15 0.49 -7.95 -7.38
N TRP A 16 1.16 -7.02 -6.71
CA TRP A 16 0.48 -5.85 -6.17
C TRP A 16 0.63 -4.65 -7.10
N SER A 17 -0.30 -3.70 -7.00
CA SER A 17 -0.27 -2.51 -7.84
C SER A 17 -0.99 -1.35 -7.16
N VAL A 18 -0.30 -0.21 -7.05
CA VAL A 18 -0.87 0.97 -6.42
C VAL A 18 -1.56 1.86 -7.45
N ASP A 19 -2.64 2.52 -7.03
CA ASP A 19 -3.38 3.41 -7.92
C ASP A 19 -4.05 4.53 -7.13
N TRP A 20 -4.03 5.73 -7.70
CA TRP A 20 -4.64 6.89 -7.04
C TRP A 20 -6.09 7.07 -7.50
N THR A 21 -6.99 7.19 -6.53
CA THR A 21 -8.41 7.38 -6.82
C THR A 21 -8.71 8.82 -7.18
N MET A 22 -9.91 9.06 -7.71
CA MET A 22 -10.33 10.40 -8.09
C MET A 22 -10.02 11.40 -6.98
N ARG A 23 -10.53 11.12 -5.78
CA ARG A 23 -10.31 12.01 -4.64
C ARG A 23 -8.83 12.38 -4.52
N GLY A 24 -7.96 11.42 -4.77
CA GLY A 24 -6.54 11.67 -4.69
C GLY A 24 -5.86 10.82 -3.62
N ARG A 25 -6.45 9.66 -3.34
CA ARG A 25 -5.90 8.75 -2.33
C ARG A 25 -5.15 7.61 -3.00
N LYS A 26 -4.03 7.22 -2.40
CA LYS A 26 -3.22 6.13 -2.93
C LYS A 26 -3.55 4.81 -2.23
N TYR A 27 -4.01 3.84 -3.01
CA TYR A 27 -4.36 2.54 -2.46
C TYR A 27 -3.65 1.42 -3.22
N TYR A 28 -3.28 0.37 -2.49
CA TYR A 28 -2.59 -0.77 -3.09
C TYR A 28 -3.55 -1.93 -3.34
N ILE A 29 -3.52 -2.46 -4.55
CA ILE A 29 -4.39 -3.57 -4.92
C ILE A 29 -3.62 -4.89 -4.95
N ASP A 30 -4.23 -5.93 -4.41
CA ASP A 30 -3.59 -7.25 -4.38
C ASP A 30 -4.24 -8.19 -5.38
N HIS A 31 -3.51 -8.52 -6.44
CA HIS A 31 -4.03 -9.42 -7.47
C HIS A 31 -3.86 -10.88 -7.06
N ASN A 32 -3.02 -11.11 -6.06
CA ASN A 32 -2.77 -12.46 -5.57
C ASN A 32 -3.93 -12.94 -4.70
N THR A 33 -4.46 -12.04 -3.88
CA THR A 33 -5.56 -12.37 -3.00
C THR A 33 -6.85 -11.66 -3.43
N ASN A 34 -6.69 -10.63 -4.25
CA ASN A 34 -7.84 -9.87 -4.74
C ASN A 34 -8.39 -8.96 -3.65
N THR A 35 -7.50 -8.24 -2.98
CA THR A 35 -7.90 -7.32 -1.91
C THR A 35 -7.08 -6.04 -1.95
N THR A 36 -7.67 -4.96 -1.46
CA THR A 36 -7.01 -3.66 -1.42
C THR A 36 -6.60 -3.28 -0.01
N HIS A 37 -5.55 -2.47 0.10
CA HIS A 37 -5.07 -2.02 1.40
C HIS A 37 -4.62 -0.56 1.35
N TRP A 38 -5.17 0.26 2.25
CA TRP A 38 -4.83 1.67 2.30
C TRP A 38 -3.35 1.86 2.58
N SER A 39 -2.81 1.05 3.49
CA SER A 39 -1.40 1.14 3.85
C SER A 39 -0.58 0.06 3.13
N HIS A 40 0.71 0.32 2.97
CA HIS A 40 1.59 -0.61 2.29
C HIS A 40 1.50 -2.00 2.93
N PRO A 41 1.54 -3.04 2.08
CA PRO A 41 1.46 -4.43 2.54
C PRO A 41 2.72 -4.87 3.28
N LEU A 42 3.82 -4.16 3.05
CA LEU A 42 5.08 -4.47 3.69
C LEU A 42 5.23 -3.70 4.99
N GLU A 43 4.56 -2.54 5.08
CA GLU A 43 4.63 -1.71 6.26
C GLU A 43 3.89 -2.37 7.44
N SER A 44 2.60 -2.60 7.25
CA SER A 44 1.78 -3.22 8.28
C SER A 44 1.76 -4.75 8.13
N GLY A 45 2.80 -5.40 8.67
CA GLY A 45 2.87 -6.84 8.57
C GLY A 45 3.08 -7.49 9.92
N PRO A 46 3.61 -8.73 9.92
CA PRO A 46 3.86 -9.49 11.15
C PRO A 46 5.00 -8.89 11.98
N SER A 47 4.64 -8.12 12.99
CA SER A 47 5.63 -7.48 13.86
C SER A 47 5.76 -8.24 15.18
N SER A 48 6.96 -8.26 15.74
CA SER A 48 7.21 -8.94 16.99
C SER A 48 7.87 -8.00 18.01
N GLY A 49 7.14 -7.67 19.06
CA GLY A 49 7.66 -6.79 20.08
C GLY A 49 7.71 -7.43 21.45
N GLY A 1 -2.57 19.15 10.95
CA GLY A 1 -3.66 18.22 10.72
C GLY A 1 -3.41 17.32 9.53
N SER A 2 -2.38 16.48 9.62
CA SER A 2 -2.03 15.58 8.53
C SER A 2 -1.24 14.38 9.06
N SER A 3 -1.88 13.22 9.10
CA SER A 3 -1.25 12.00 9.59
C SER A 3 -0.12 11.58 8.67
N GLY A 4 -0.46 11.27 7.41
CA GLY A 4 0.55 10.85 6.46
C GLY A 4 0.37 9.41 6.02
N SER A 5 -0.55 9.19 5.08
CA SER A 5 -0.82 7.85 4.58
C SER A 5 0.16 7.47 3.48
N SER A 6 0.22 8.29 2.43
CA SER A 6 1.11 8.04 1.31
C SER A 6 2.44 8.77 1.51
N GLY A 7 3.54 8.05 1.26
CA GLY A 7 4.86 8.64 1.41
C GLY A 7 5.97 7.66 1.09
N GLU A 8 5.95 6.50 1.75
CA GLU A 8 6.96 5.48 1.54
C GLU A 8 6.56 4.54 0.40
N ASP A 9 7.01 4.85 -0.81
CA ASP A 9 6.70 4.03 -1.97
C ASP A 9 7.52 2.75 -1.98
N LEU A 10 7.54 2.06 -0.83
CA LEU A 10 8.29 0.82 -0.71
C LEU A 10 8.12 -0.06 -1.95
N PRO A 11 9.08 -0.96 -2.18
CA PRO A 11 9.05 -1.88 -3.32
C PRO A 11 7.96 -2.93 -3.19
N LEU A 12 6.76 -2.59 -3.66
CA LEU A 12 5.63 -3.51 -3.61
C LEU A 12 6.03 -4.89 -4.11
N PRO A 13 5.42 -5.93 -3.52
CA PRO A 13 5.69 -7.32 -3.89
C PRO A 13 5.15 -7.67 -5.27
N PRO A 14 5.56 -8.83 -5.80
CA PRO A 14 5.13 -9.29 -7.13
C PRO A 14 3.67 -9.69 -7.15
N GLY A 15 2.84 -8.88 -7.80
CA GLY A 15 1.43 -9.16 -7.88
C GLY A 15 0.57 -8.02 -7.39
N TRP A 16 1.19 -7.07 -6.70
CA TRP A 16 0.49 -5.91 -6.17
C TRP A 16 0.59 -4.73 -7.12
N SER A 17 -0.35 -3.79 -7.00
CA SER A 17 -0.36 -2.61 -7.85
C SER A 17 -1.09 -1.45 -7.16
N VAL A 18 -0.40 -0.32 -7.05
CA VAL A 18 -0.97 0.86 -6.42
C VAL A 18 -1.63 1.77 -7.44
N ASP A 19 -2.70 2.45 -7.02
CA ASP A 19 -3.43 3.35 -7.91
C ASP A 19 -4.08 4.47 -7.10
N TRP A 20 -4.05 5.68 -7.68
CA TRP A 20 -4.63 6.84 -7.02
C TRP A 20 -6.07 7.08 -7.50
N THR A 21 -6.99 7.23 -6.55
CA THR A 21 -8.39 7.47 -6.87
C THR A 21 -8.64 8.93 -7.21
N MET A 22 -9.80 9.21 -7.78
CA MET A 22 -10.16 10.57 -8.16
C MET A 22 -9.85 11.55 -7.03
N ARG A 23 -10.42 11.30 -5.86
CA ARG A 23 -10.20 12.16 -4.69
C ARG A 23 -8.72 12.47 -4.54
N GLY A 24 -7.88 11.46 -4.73
CA GLY A 24 -6.44 11.66 -4.60
C GLY A 24 -5.84 10.79 -3.51
N ARG A 25 -6.41 9.61 -3.30
CA ARG A 25 -5.93 8.69 -2.28
C ARG A 25 -5.14 7.55 -2.91
N LYS A 26 -4.05 7.16 -2.26
CA LYS A 26 -3.21 6.08 -2.75
C LYS A 26 -3.58 4.76 -2.08
N TYR A 27 -4.00 3.79 -2.89
CA TYR A 27 -4.39 2.47 -2.39
C TYR A 27 -3.69 1.37 -3.15
N TYR A 28 -3.28 0.32 -2.44
CA TYR A 28 -2.60 -0.81 -3.06
C TYR A 28 -3.57 -1.95 -3.32
N ILE A 29 -3.50 -2.52 -4.53
CA ILE A 29 -4.38 -3.63 -4.90
C ILE A 29 -3.62 -4.95 -4.89
N ASP A 30 -4.26 -5.99 -4.36
CA ASP A 30 -3.65 -7.31 -4.31
C ASP A 30 -4.29 -8.25 -5.32
N HIS A 31 -3.54 -8.56 -6.38
CA HIS A 31 -4.03 -9.44 -7.43
C HIS A 31 -3.90 -10.90 -7.01
N ASN A 32 -3.01 -11.16 -6.05
CA ASN A 32 -2.78 -12.52 -5.57
C ASN A 32 -3.90 -12.95 -4.62
N THR A 33 -4.40 -12.00 -3.84
CA THR A 33 -5.48 -12.28 -2.90
C THR A 33 -6.79 -11.64 -3.35
N ASN A 34 -6.69 -10.64 -4.21
CA ASN A 34 -7.87 -9.95 -4.72
C ASN A 34 -8.46 -9.02 -3.66
N THR A 35 -7.59 -8.27 -2.99
CA THR A 35 -8.03 -7.34 -1.95
C THR A 35 -7.22 -6.05 -2.00
N THR A 36 -7.82 -4.97 -1.50
CA THR A 36 -7.15 -3.67 -1.49
C THR A 36 -6.70 -3.30 -0.08
N HIS A 37 -5.69 -2.45 0.00
CA HIS A 37 -5.16 -2.00 1.29
C HIS A 37 -4.72 -0.54 1.23
N TRP A 38 -5.24 0.27 2.15
CA TRP A 38 -4.91 1.68 2.20
C TRP A 38 -3.43 1.87 2.51
N SER A 39 -2.90 1.04 3.40
CA SER A 39 -1.49 1.13 3.78
C SER A 39 -0.65 0.10 3.02
N HIS A 40 0.66 0.30 3.02
CA HIS A 40 1.57 -0.62 2.34
C HIS A 40 1.51 -2.01 2.95
N PRO A 41 1.56 -3.04 2.09
CA PRO A 41 1.52 -4.44 2.52
C PRO A 41 2.78 -4.86 3.26
N LEU A 42 3.88 -4.18 2.98
CA LEU A 42 5.16 -4.47 3.61
C LEU A 42 5.30 -3.73 4.93
N GLU A 43 4.72 -2.54 5.00
CA GLU A 43 4.78 -1.73 6.21
C GLU A 43 4.05 -2.41 7.36
N SER A 44 4.81 -3.16 8.17
CA SER A 44 4.23 -3.87 9.30
C SER A 44 5.14 -3.78 10.52
N GLY A 45 4.63 -3.21 11.60
CA GLY A 45 5.41 -3.08 12.82
C GLY A 45 5.62 -4.40 13.53
N PRO A 46 4.74 -4.70 14.49
CA PRO A 46 4.80 -5.94 15.26
C PRO A 46 4.46 -7.17 14.42
N SER A 47 5.46 -8.00 14.14
CA SER A 47 5.26 -9.20 13.35
C SER A 47 4.70 -10.33 14.21
N SER A 48 3.95 -11.23 13.58
CA SER A 48 3.36 -12.36 14.29
C SER A 48 3.82 -13.68 13.69
N GLY A 49 4.10 -14.65 14.55
CA GLY A 49 4.55 -15.95 14.09
C GLY A 49 5.82 -16.40 14.79
N GLY A 1 15.89 18.65 3.59
CA GLY A 1 14.71 19.42 3.94
C GLY A 1 13.66 18.58 4.64
N SER A 2 12.41 18.71 4.19
CA SER A 2 11.31 17.96 4.78
C SER A 2 10.92 16.78 3.89
N SER A 3 11.04 15.57 4.44
CA SER A 3 10.70 14.36 3.70
C SER A 3 9.66 13.54 4.45
N GLY A 4 8.42 13.62 4.01
CA GLY A 4 7.34 12.88 4.64
C GLY A 4 7.64 11.40 4.73
N SER A 5 7.03 10.72 5.71
CA SER A 5 7.24 9.30 5.91
C SER A 5 6.12 8.49 5.25
N SER A 6 4.88 8.75 5.68
CA SER A 6 3.73 8.05 5.13
C SER A 6 3.90 7.81 3.63
N GLY A 7 3.93 6.54 3.25
CA GLY A 7 4.08 6.19 1.84
C GLY A 7 5.52 6.28 1.38
N GLU A 8 6.34 5.32 1.81
CA GLU A 8 7.75 5.29 1.43
C GLU A 8 7.94 4.58 0.09
N ASP A 9 6.89 4.58 -0.72
CA ASP A 9 6.95 3.94 -2.03
C ASP A 9 7.73 2.63 -1.97
N LEU A 10 7.61 1.93 -0.84
CA LEU A 10 8.31 0.67 -0.65
C LEU A 10 8.19 -0.21 -1.90
N PRO A 11 9.16 -1.14 -2.06
CA PRO A 11 9.18 -2.05 -3.20
C PRO A 11 8.06 -3.08 -3.14
N LEU A 12 6.87 -2.69 -3.58
CA LEU A 12 5.72 -3.58 -3.58
C LEU A 12 6.09 -4.95 -4.11
N PRO A 13 5.48 -5.99 -3.53
CA PRO A 13 5.73 -7.38 -3.94
C PRO A 13 5.17 -7.70 -5.32
N PRO A 14 5.56 -8.85 -5.88
CA PRO A 14 5.10 -9.29 -7.20
C PRO A 14 3.62 -9.68 -7.20
N GLY A 15 2.80 -8.85 -7.83
CA GLY A 15 1.37 -9.11 -7.91
C GLY A 15 0.54 -7.95 -7.39
N TRP A 16 1.19 -7.01 -6.71
CA TRP A 16 0.50 -5.85 -6.17
C TRP A 16 0.60 -4.67 -7.13
N SER A 17 -0.35 -3.75 -7.03
CA SER A 17 -0.37 -2.57 -7.89
C SER A 17 -1.08 -1.40 -7.20
N VAL A 18 -0.38 -0.28 -7.09
CA VAL A 18 -0.94 0.91 -6.46
C VAL A 18 -1.62 1.81 -7.47
N ASP A 19 -2.66 2.51 -7.05
CA ASP A 19 -3.40 3.41 -7.92
C ASP A 19 -4.04 4.55 -7.12
N TRP A 20 -4.09 5.73 -7.73
CA TRP A 20 -4.67 6.90 -7.08
C TRP A 20 -6.12 7.11 -7.53
N THR A 21 -7.02 7.24 -6.56
CA THR A 21 -8.43 7.44 -6.86
C THR A 21 -8.70 8.90 -7.22
N MET A 22 -9.89 9.16 -7.76
CA MET A 22 -10.27 10.52 -8.14
C MET A 22 -9.97 11.51 -7.03
N ARG A 23 -10.49 11.24 -5.84
CA ARG A 23 -10.27 12.11 -4.68
C ARG A 23 -8.79 12.47 -4.55
N GLY A 24 -7.93 11.46 -4.74
CA GLY A 24 -6.50 11.69 -4.63
C GLY A 24 -5.86 10.83 -3.54
N ARG A 25 -6.41 9.64 -3.33
CA ARG A 25 -5.89 8.74 -2.31
C ARG A 25 -5.12 7.59 -2.95
N LYS A 26 -4.02 7.20 -2.32
CA LYS A 26 -3.19 6.11 -2.84
C LYS A 26 -3.55 4.79 -2.16
N TYR A 27 -4.01 3.82 -2.96
CA TYR A 27 -4.39 2.52 -2.44
C TYR A 27 -3.69 1.40 -3.20
N TYR A 28 -3.29 0.36 -2.49
CA TYR A 28 -2.60 -0.77 -3.10
C TYR A 28 -3.57 -1.92 -3.36
N ILE A 29 -3.50 -2.49 -4.55
CA ILE A 29 -4.37 -3.60 -4.93
C ILE A 29 -3.60 -4.92 -4.94
N ASP A 30 -4.22 -5.96 -4.39
CA ASP A 30 -3.59 -7.28 -4.33
C ASP A 30 -4.25 -8.23 -5.33
N HIS A 31 -3.54 -8.55 -6.40
CA HIS A 31 -4.06 -9.44 -7.43
C HIS A 31 -3.92 -10.90 -7.00
N ASN A 32 -3.03 -11.14 -6.03
CA ASN A 32 -2.79 -12.49 -5.54
C ASN A 32 -3.94 -12.95 -4.64
N THR A 33 -4.46 -12.03 -3.83
CA THR A 33 -5.56 -12.34 -2.93
C THR A 33 -6.85 -11.66 -3.38
N ASN A 34 -6.71 -10.66 -4.25
CA ASN A 34 -7.87 -9.93 -4.76
C ASN A 34 -8.45 -9.02 -3.68
N THR A 35 -7.57 -8.27 -3.01
CA THR A 35 -7.99 -7.36 -1.95
C THR A 35 -7.19 -6.07 -1.99
N THR A 36 -7.78 -4.99 -1.49
CA THR A 36 -7.11 -3.70 -1.45
C THR A 36 -6.67 -3.34 -0.04
N HIS A 37 -5.68 -2.46 0.06
CA HIS A 37 -5.17 -2.03 1.36
C HIS A 37 -4.74 -0.57 1.32
N TRP A 38 -5.28 0.23 2.22
CA TRP A 38 -4.95 1.66 2.28
C TRP A 38 -3.46 1.86 2.57
N SER A 39 -2.92 1.02 3.44
CA SER A 39 -1.50 1.11 3.80
C SER A 39 -0.70 0.06 3.07
N HIS A 40 0.62 0.26 3.02
CA HIS A 40 1.52 -0.68 2.34
C HIS A 40 1.49 -2.04 3.03
N PRO A 41 1.52 -3.11 2.23
CA PRO A 41 1.50 -4.49 2.74
C PRO A 41 2.80 -4.86 3.45
N LEU A 42 3.88 -4.20 3.07
CA LEU A 42 5.19 -4.46 3.67
C LEU A 42 5.38 -3.62 4.94
N GLU A 43 4.78 -2.44 4.95
CA GLU A 43 4.89 -1.54 6.09
C GLU A 43 4.38 -2.22 7.37
N SER A 44 3.12 -2.63 7.34
CA SER A 44 2.51 -3.29 8.49
C SER A 44 3.16 -4.65 8.75
N GLY A 45 3.71 -4.82 9.95
CA GLY A 45 4.35 -6.07 10.30
C GLY A 45 5.20 -5.96 11.56
N PRO A 46 5.24 -7.04 12.34
CA PRO A 46 6.02 -7.08 13.58
C PRO A 46 7.52 -7.08 13.33
N SER A 47 7.90 -7.00 12.06
CA SER A 47 9.31 -7.00 11.68
C SER A 47 9.95 -5.66 12.00
N SER A 48 11.28 -5.64 12.08
CA SER A 48 12.01 -4.42 12.38
C SER A 48 11.77 -3.36 11.31
N GLY A 49 10.97 -2.36 11.66
CA GLY A 49 10.66 -1.29 10.73
C GLY A 49 9.18 -0.97 10.67
N GLY A 1 -4.41 13.13 11.32
CA GLY A 1 -3.31 12.19 11.32
C GLY A 1 -2.17 12.63 10.41
N SER A 2 -1.50 11.66 9.81
CA SER A 2 -0.38 11.95 8.92
C SER A 2 -0.83 12.87 7.78
N SER A 3 -0.29 14.09 7.79
CA SER A 3 -0.62 15.08 6.76
C SER A 3 0.10 14.77 5.46
N GLY A 4 -0.35 15.40 4.37
CA GLY A 4 0.26 15.17 3.08
C GLY A 4 0.21 13.72 2.65
N SER A 5 1.22 13.29 1.90
CA SER A 5 1.28 11.92 1.41
C SER A 5 2.13 11.06 2.34
N SER A 6 1.46 10.18 3.10
CA SER A 6 2.14 9.30 4.03
C SER A 6 2.51 7.97 3.37
N GLY A 7 3.79 7.82 3.02
CA GLY A 7 4.24 6.60 2.38
C GLY A 7 5.73 6.61 2.10
N GLU A 8 6.28 5.44 1.79
CA GLU A 8 7.71 5.33 1.50
C GLU A 8 7.94 4.62 0.17
N ASP A 9 6.91 4.65 -0.68
CA ASP A 9 7.00 4.03 -2.00
C ASP A 9 7.81 2.73 -1.93
N LEU A 10 7.61 1.97 -0.85
CA LEU A 10 8.33 0.71 -0.67
C LEU A 10 8.20 -0.17 -1.91
N PRO A 11 9.16 -1.10 -2.07
CA PRO A 11 9.17 -2.03 -3.21
C PRO A 11 8.06 -3.05 -3.13
N LEU A 12 6.86 -2.66 -3.58
CA LEU A 12 5.70 -3.54 -3.57
C LEU A 12 6.08 -4.93 -4.09
N PRO A 13 5.46 -5.96 -3.51
CA PRO A 13 5.69 -7.35 -3.90
C PRO A 13 5.15 -7.67 -5.28
N PRO A 14 5.53 -8.84 -5.83
CA PRO A 14 5.08 -9.29 -7.15
C PRO A 14 3.60 -9.64 -7.17
N GLY A 15 2.80 -8.83 -7.86
CA GLY A 15 1.38 -9.07 -7.94
C GLY A 15 0.56 -7.91 -7.43
N TRP A 16 1.20 -7.00 -6.72
CA TRP A 16 0.52 -5.84 -6.16
C TRP A 16 0.64 -4.64 -7.10
N SER A 17 -0.32 -3.73 -7.02
CA SER A 17 -0.32 -2.54 -7.87
C SER A 17 -1.03 -1.38 -7.18
N VAL A 18 -0.35 -0.24 -7.07
CA VAL A 18 -0.93 0.93 -6.44
C VAL A 18 -1.62 1.83 -7.47
N ASP A 19 -2.68 2.51 -7.03
CA ASP A 19 -3.43 3.40 -7.91
C ASP A 19 -4.05 4.54 -7.12
N TRP A 20 -4.10 5.72 -7.73
CA TRP A 20 -4.67 6.89 -7.08
C TRP A 20 -6.11 7.12 -7.54
N THR A 21 -7.02 7.21 -6.57
CA THR A 21 -8.43 7.43 -6.87
C THR A 21 -8.70 8.89 -7.23
N MET A 22 -9.87 9.14 -7.78
CA MET A 22 -10.26 10.50 -8.17
C MET A 22 -9.96 11.48 -7.05
N ARG A 23 -10.48 11.20 -5.86
CA ARG A 23 -10.28 12.07 -4.71
C ARG A 23 -8.80 12.43 -4.56
N GLY A 24 -7.94 11.44 -4.76
CA GLY A 24 -6.50 11.67 -4.64
C GLY A 24 -5.86 10.82 -3.56
N ARG A 25 -6.42 9.62 -3.35
CA ARG A 25 -5.90 8.71 -2.34
C ARG A 25 -5.11 7.57 -2.98
N LYS A 26 -4.00 7.18 -2.35
CA LYS A 26 -3.17 6.11 -2.85
C LYS A 26 -3.52 4.79 -2.16
N TYR A 27 -3.99 3.82 -2.95
CA TYR A 27 -4.36 2.52 -2.42
C TYR A 27 -3.65 1.40 -3.19
N TYR A 28 -3.27 0.36 -2.46
CA TYR A 28 -2.59 -0.78 -3.08
C TYR A 28 -3.55 -1.93 -3.32
N ILE A 29 -3.54 -2.46 -4.54
CA ILE A 29 -4.41 -3.57 -4.91
C ILE A 29 -3.65 -4.89 -4.90
N ASP A 30 -4.29 -5.92 -4.35
CA ASP A 30 -3.67 -7.24 -4.28
C ASP A 30 -4.31 -8.20 -5.27
N HIS A 31 -3.59 -8.50 -6.35
CA HIS A 31 -4.09 -9.40 -7.38
C HIS A 31 -3.93 -10.85 -6.96
N ASN A 32 -3.04 -11.09 -6.01
CA ASN A 32 -2.78 -12.44 -5.52
C ASN A 32 -3.92 -12.92 -4.62
N THR A 33 -4.48 -12.00 -3.84
CA THR A 33 -5.58 -12.31 -2.94
C THR A 33 -6.87 -11.63 -3.38
N ASN A 34 -6.74 -10.66 -4.27
CA ASN A 34 -7.90 -9.93 -4.77
C ASN A 34 -8.47 -9.01 -3.68
N THR A 35 -7.59 -8.28 -3.01
CA THR A 35 -8.00 -7.37 -1.95
C THR A 35 -7.18 -6.08 -1.98
N THR A 36 -7.77 -4.99 -1.50
CA THR A 36 -7.09 -3.71 -1.47
C THR A 36 -6.67 -3.33 -0.05
N HIS A 37 -5.64 -2.51 0.06
CA HIS A 37 -5.15 -2.08 1.37
C HIS A 37 -4.69 -0.62 1.31
N TRP A 38 -5.28 0.19 2.18
CA TRP A 38 -4.93 1.62 2.24
C TRP A 38 -3.46 1.81 2.54
N SER A 39 -2.93 0.99 3.45
CA SER A 39 -1.53 1.09 3.83
C SER A 39 -0.70 0.05 3.06
N HIS A 40 0.62 0.24 3.07
CA HIS A 40 1.52 -0.67 2.38
C HIS A 40 1.50 -2.06 3.03
N PRO A 41 1.54 -3.10 2.19
CA PRO A 41 1.53 -4.50 2.66
C PRO A 41 2.82 -4.88 3.37
N LEU A 42 3.91 -4.22 3.02
CA LEU A 42 5.21 -4.50 3.62
C LEU A 42 5.39 -3.69 4.90
N GLU A 43 4.80 -2.50 4.94
CA GLU A 43 4.89 -1.64 6.12
C GLU A 43 4.38 -2.36 7.36
N SER A 44 3.13 -2.82 7.31
CA SER A 44 2.52 -3.51 8.43
C SER A 44 1.64 -4.66 7.94
N GLY A 45 1.17 -5.48 8.88
CA GLY A 45 0.33 -6.61 8.52
C GLY A 45 0.92 -7.92 8.97
N PRO A 46 0.05 -8.91 9.23
CA PRO A 46 0.47 -10.25 9.66
C PRO A 46 1.17 -11.03 8.55
N SER A 47 2.50 -11.09 8.62
CA SER A 47 3.28 -11.80 7.63
C SER A 47 3.69 -13.17 8.14
N SER A 48 4.26 -13.21 9.34
CA SER A 48 4.71 -14.45 9.94
C SER A 48 3.51 -15.33 10.33
N GLY A 49 3.57 -16.60 9.93
CA GLY A 49 2.49 -17.52 10.24
C GLY A 49 2.99 -18.87 10.71
N GLY A 1 0.73 4.10 11.56
CA GLY A 1 2.10 4.53 11.77
C GLY A 1 2.62 5.40 10.63
N SER A 2 2.29 6.69 10.67
CA SER A 2 2.72 7.60 9.63
C SER A 2 3.05 8.97 10.23
N SER A 3 4.32 9.35 10.16
CA SER A 3 4.77 10.64 10.70
C SER A 3 4.25 11.79 9.84
N GLY A 4 4.54 11.73 8.54
CA GLY A 4 4.10 12.78 7.63
C GLY A 4 4.49 12.50 6.21
N SER A 5 4.12 11.32 5.70
CA SER A 5 4.44 10.93 4.33
C SER A 5 3.41 9.94 3.80
N SER A 6 2.77 10.31 2.70
CA SER A 6 1.75 9.46 2.08
C SER A 6 2.25 8.01 1.98
N GLY A 7 3.44 7.84 1.43
CA GLY A 7 4.00 6.52 1.27
C GLY A 7 5.47 6.54 0.89
N GLU A 8 6.22 5.57 1.38
CA GLU A 8 7.65 5.49 1.10
C GLU A 8 7.89 4.76 -0.23
N ASP A 9 6.89 4.76 -1.10
CA ASP A 9 7.01 4.11 -2.39
C ASP A 9 7.81 2.81 -2.28
N LEU A 10 7.62 2.10 -1.19
CA LEU A 10 8.32 0.85 -0.96
C LEU A 10 8.20 -0.09 -2.17
N PRO A 11 9.16 -1.00 -2.30
CA PRO A 11 9.18 -1.97 -3.41
C PRO A 11 8.05 -3.00 -3.30
N LEU A 12 6.87 -2.63 -3.75
CA LEU A 12 5.71 -3.52 -3.69
C LEU A 12 6.07 -4.92 -4.21
N PRO A 13 5.47 -5.95 -3.60
CA PRO A 13 5.72 -7.34 -3.99
C PRO A 13 5.14 -7.67 -5.36
N PRO A 14 5.52 -8.85 -5.89
CA PRO A 14 5.03 -9.31 -7.20
C PRO A 14 3.56 -9.68 -7.19
N GLY A 15 2.74 -8.85 -7.83
CA GLY A 15 1.32 -9.10 -7.87
C GLY A 15 0.50 -7.93 -7.38
N TRP A 16 1.15 -7.01 -6.68
CA TRP A 16 0.49 -5.83 -6.13
C TRP A 16 0.59 -4.65 -7.10
N SER A 17 -0.36 -3.73 -7.01
CA SER A 17 -0.37 -2.56 -7.88
C SER A 17 -1.06 -1.38 -7.19
N VAL A 18 -0.33 -0.27 -7.08
CA VAL A 18 -0.87 0.92 -6.45
C VAL A 18 -1.53 1.84 -7.46
N ASP A 19 -2.58 2.53 -7.04
CA ASP A 19 -3.30 3.44 -7.92
C ASP A 19 -3.96 4.56 -7.12
N TRP A 20 -3.99 5.76 -7.69
CA TRP A 20 -4.59 6.91 -7.02
C TRP A 20 -6.02 7.13 -7.51
N THR A 21 -6.95 7.30 -6.57
CA THR A 21 -8.34 7.51 -6.91
C THR A 21 -8.61 8.98 -7.24
N MET A 22 -9.79 9.27 -7.77
CA MET A 22 -10.17 10.63 -8.12
C MET A 22 -9.86 11.58 -6.97
N ARG A 23 -10.40 11.28 -5.80
CA ARG A 23 -10.18 12.12 -4.63
C ARG A 23 -8.71 12.45 -4.45
N GLY A 24 -7.85 11.47 -4.68
CA GLY A 24 -6.42 11.68 -4.54
C GLY A 24 -5.80 10.79 -3.49
N ARG A 25 -6.39 9.62 -3.27
CA ARG A 25 -5.90 8.68 -2.27
C ARG A 25 -5.13 7.54 -2.94
N LYS A 26 -4.03 7.14 -2.33
CA LYS A 26 -3.20 6.06 -2.86
C LYS A 26 -3.56 4.73 -2.20
N TYR A 27 -4.06 3.80 -3.00
CA TYR A 27 -4.45 2.49 -2.50
C TYR A 27 -3.72 1.38 -3.25
N TYR A 28 -3.36 0.31 -2.54
CA TYR A 28 -2.65 -0.81 -3.14
C TYR A 28 -3.61 -1.97 -3.40
N ILE A 29 -3.53 -2.53 -4.60
CA ILE A 29 -4.38 -3.66 -4.97
C ILE A 29 -3.61 -4.97 -4.96
N ASP A 30 -4.23 -6.00 -4.41
CA ASP A 30 -3.59 -7.32 -4.33
C ASP A 30 -4.23 -8.28 -5.32
N HIS A 31 -3.50 -8.61 -6.38
CA HIS A 31 -3.99 -9.52 -7.41
C HIS A 31 -3.84 -10.98 -6.96
N ASN A 32 -2.96 -11.19 -5.98
CA ASN A 32 -2.72 -12.53 -5.46
C ASN A 32 -3.87 -12.99 -4.57
N THR A 33 -4.41 -12.06 -3.79
CA THR A 33 -5.52 -12.36 -2.89
C THR A 33 -6.81 -11.70 -3.36
N ASN A 34 -6.67 -10.70 -4.22
CA ASN A 34 -7.83 -9.98 -4.74
C ASN A 34 -8.44 -9.07 -3.67
N THR A 35 -7.59 -8.31 -3.00
CA THR A 35 -8.05 -7.40 -1.96
C THR A 35 -7.26 -6.09 -1.99
N THR A 36 -7.88 -5.02 -1.48
CA THR A 36 -7.25 -3.71 -1.46
C THR A 36 -6.78 -3.36 -0.05
N HIS A 37 -5.77 -2.50 0.03
CA HIS A 37 -5.23 -2.09 1.33
C HIS A 37 -4.78 -0.62 1.28
N TRP A 38 -5.34 0.18 2.18
CA TRP A 38 -5.00 1.61 2.24
C TRP A 38 -3.52 1.79 2.55
N SER A 39 -3.00 0.97 3.45
CA SER A 39 -1.59 1.05 3.85
C SER A 39 -0.76 -0.01 3.13
N HIS A 40 0.54 0.23 3.04
CA HIS A 40 1.44 -0.71 2.38
C HIS A 40 1.45 -2.06 3.09
N PRO A 41 1.49 -3.14 2.32
CA PRO A 41 1.50 -4.51 2.86
C PRO A 41 2.81 -4.85 3.55
N LEU A 42 3.88 -4.14 3.19
CA LEU A 42 5.19 -4.35 3.79
C LEU A 42 5.34 -3.55 5.08
N GLU A 43 4.73 -2.37 5.11
CA GLU A 43 4.79 -1.51 6.29
C GLU A 43 4.30 -2.24 7.53
N SER A 44 5.23 -2.73 8.34
CA SER A 44 4.89 -3.46 9.56
C SER A 44 6.15 -3.78 10.36
N GLY A 45 6.21 -3.27 11.60
CA GLY A 45 7.35 -3.52 12.45
C GLY A 45 7.21 -2.88 13.80
N PRO A 46 7.86 -3.47 14.82
CA PRO A 46 7.83 -2.95 16.20
C PRO A 46 8.57 -1.64 16.35
N SER A 47 9.67 -1.49 15.61
CA SER A 47 10.47 -0.28 15.67
C SER A 47 11.29 -0.11 14.39
N SER A 48 11.01 0.97 13.66
CA SER A 48 11.71 1.25 12.42
C SER A 48 12.75 2.36 12.61
N GLY A 49 13.55 2.60 11.58
CA GLY A 49 14.56 3.64 11.65
C GLY A 49 15.80 3.29 10.85
N GLY A 1 2.17 13.12 17.69
CA GLY A 1 3.04 12.68 16.61
C GLY A 1 2.63 13.23 15.26
N SER A 2 3.33 12.82 14.21
CA SER A 2 3.03 13.28 12.87
C SER A 2 1.65 12.82 12.43
N SER A 3 0.71 13.75 12.30
CA SER A 3 -0.65 13.44 11.90
C SER A 3 -0.70 13.08 10.41
N GLY A 4 -1.37 11.98 10.09
CA GLY A 4 -1.49 11.56 8.70
C GLY A 4 -0.49 10.48 8.34
N SER A 5 -0.34 10.23 7.04
CA SER A 5 0.58 9.20 6.57
C SER A 5 1.30 9.67 5.30
N SER A 6 2.59 9.39 5.24
CA SER A 6 3.40 9.78 4.08
C SER A 6 3.53 8.62 3.09
N GLY A 7 4.17 8.89 1.97
CA GLY A 7 4.35 7.86 0.95
C GLY A 7 5.80 7.51 0.74
N GLU A 8 6.13 6.23 0.90
CA GLU A 8 7.50 5.75 0.71
C GLU A 8 7.63 4.95 -0.58
N ASP A 9 6.54 4.84 -1.32
CA ASP A 9 6.54 4.10 -2.57
C ASP A 9 7.37 2.83 -2.45
N LEU A 10 7.38 2.24 -1.25
CA LEU A 10 8.13 1.03 -1.00
C LEU A 10 8.04 0.08 -2.19
N PRO A 11 9.02 -0.83 -2.31
CA PRO A 11 9.07 -1.81 -3.39
C PRO A 11 7.99 -2.88 -3.27
N LEU A 12 6.79 -2.55 -3.74
CA LEU A 12 5.67 -3.48 -3.68
C LEU A 12 6.07 -4.86 -4.19
N PRO A 13 5.48 -5.90 -3.59
CA PRO A 13 5.76 -7.29 -3.97
C PRO A 13 5.21 -7.64 -5.34
N PRO A 14 5.63 -8.80 -5.89
CA PRO A 14 5.19 -9.27 -7.20
C PRO A 14 3.72 -9.69 -7.20
N GLY A 15 2.88 -8.87 -7.82
CA GLY A 15 1.46 -9.18 -7.89
C GLY A 15 0.60 -8.02 -7.40
N TRP A 16 1.22 -7.07 -6.71
CA TRP A 16 0.49 -5.91 -6.19
C TRP A 16 0.58 -4.75 -7.16
N SER A 17 -0.35 -3.80 -7.02
CA SER A 17 -0.38 -2.63 -7.88
C SER A 17 -1.07 -1.46 -7.19
N VAL A 18 -0.37 -0.33 -7.11
CA VAL A 18 -0.90 0.87 -6.47
C VAL A 18 -1.60 1.77 -7.48
N ASP A 19 -2.65 2.43 -7.04
CA ASP A 19 -3.42 3.33 -7.90
C ASP A 19 -4.05 4.46 -7.09
N TRP A 20 -4.03 5.66 -7.66
CA TRP A 20 -4.60 6.83 -6.99
C TRP A 20 -6.01 7.10 -7.48
N THR A 21 -6.95 7.22 -6.55
CA THR A 21 -8.34 7.49 -6.89
C THR A 21 -8.55 8.96 -7.23
N MET A 22 -9.72 9.27 -7.78
CA MET A 22 -10.05 10.65 -8.16
C MET A 22 -9.73 11.61 -7.01
N ARG A 23 -10.26 11.29 -5.83
CA ARG A 23 -10.03 12.13 -4.65
C ARG A 23 -8.55 12.48 -4.50
N GLY A 24 -7.70 11.44 -4.55
CA GLY A 24 -6.27 11.66 -4.41
C GLY A 24 -5.65 10.74 -3.39
N ARG A 25 -6.30 9.61 -3.12
CA ARG A 25 -5.81 8.65 -2.14
C ARG A 25 -5.05 7.52 -2.83
N LYS A 26 -3.97 7.06 -2.21
CA LYS A 26 -3.17 5.99 -2.76
C LYS A 26 -3.53 4.65 -2.13
N TYR A 27 -4.05 3.74 -2.94
CA TYR A 27 -4.45 2.42 -2.45
C TYR A 27 -3.72 1.32 -3.22
N TYR A 28 -3.38 0.25 -2.52
CA TYR A 28 -2.68 -0.88 -3.13
C TYR A 28 -3.63 -2.04 -3.36
N ILE A 29 -3.61 -2.59 -4.58
CA ILE A 29 -4.47 -3.70 -4.93
C ILE A 29 -3.69 -5.02 -4.93
N ASP A 30 -4.30 -6.06 -4.37
CA ASP A 30 -3.66 -7.37 -4.31
C ASP A 30 -4.27 -8.33 -5.33
N HIS A 31 -3.52 -8.63 -6.39
CA HIS A 31 -3.99 -9.53 -7.44
C HIS A 31 -3.88 -10.98 -6.98
N ASN A 32 -3.01 -11.24 -6.02
CA ASN A 32 -2.81 -12.59 -5.50
C ASN A 32 -3.94 -12.98 -4.55
N THR A 33 -4.43 -12.00 -3.79
CA THR A 33 -5.49 -12.24 -2.83
C THR A 33 -6.79 -11.58 -3.28
N ASN A 34 -6.67 -10.65 -4.23
CA ASN A 34 -7.84 -9.94 -4.75
C ASN A 34 -8.45 -9.04 -3.68
N THR A 35 -7.59 -8.28 -3.00
CA THR A 35 -8.05 -7.37 -1.95
C THR A 35 -7.28 -6.06 -1.98
N THR A 36 -7.90 -5.01 -1.48
CA THR A 36 -7.27 -3.68 -1.44
C THR A 36 -6.80 -3.33 -0.04
N HIS A 37 -5.78 -2.48 0.04
CA HIS A 37 -5.24 -2.05 1.33
C HIS A 37 -4.77 -0.61 1.27
N TRP A 38 -5.33 0.22 2.15
CA TRP A 38 -4.98 1.63 2.20
C TRP A 38 -3.49 1.81 2.52
N SER A 39 -2.98 0.98 3.42
CA SER A 39 -1.58 1.04 3.81
C SER A 39 -0.75 0.00 3.07
N HIS A 40 0.56 0.23 2.99
CA HIS A 40 1.46 -0.69 2.31
C HIS A 40 1.46 -2.06 2.99
N PRO A 41 1.50 -3.12 2.17
CA PRO A 41 1.51 -4.50 2.68
C PRO A 41 2.82 -4.85 3.37
N LEU A 42 3.85 -4.04 3.13
CA LEU A 42 5.16 -4.27 3.74
C LEU A 42 5.32 -3.45 5.01
N GLU A 43 4.60 -2.33 5.09
CA GLU A 43 4.66 -1.46 6.25
C GLU A 43 4.23 -2.20 7.51
N SER A 44 3.05 -2.80 7.47
CA SER A 44 2.52 -3.54 8.61
C SER A 44 3.24 -4.87 8.78
N GLY A 45 4.31 -4.86 9.57
CA GLY A 45 5.08 -6.07 9.80
C GLY A 45 4.87 -6.63 11.19
N PRO A 46 3.78 -7.39 11.37
CA PRO A 46 3.44 -8.00 12.66
C PRO A 46 4.40 -9.13 13.03
N SER A 47 5.38 -9.37 12.17
CA SER A 47 6.35 -10.42 12.41
C SER A 47 7.57 -9.88 13.15
N SER A 48 8.05 -8.71 12.72
CA SER A 48 9.21 -8.08 13.35
C SER A 48 9.15 -8.21 14.86
N GLY A 49 10.07 -8.98 15.42
CA GLY A 49 10.10 -9.16 16.86
C GLY A 49 9.52 -10.50 17.29
N GLY A 1 -5.92 14.55 15.19
CA GLY A 1 -4.49 14.83 15.19
C GLY A 1 -3.84 14.55 13.84
N SER A 2 -2.75 13.81 13.86
CA SER A 2 -2.03 13.49 12.63
C SER A 2 -1.35 12.13 12.75
N SER A 3 -1.56 11.28 11.74
CA SER A 3 -0.97 9.95 11.73
C SER A 3 0.53 10.02 11.42
N GLY A 4 0.88 10.75 10.38
CA GLY A 4 2.28 10.89 10.00
C GLY A 4 2.46 11.12 8.52
N SER A 5 2.28 12.35 8.08
CA SER A 5 2.41 12.69 6.67
C SER A 5 3.70 12.13 6.10
N SER A 6 3.59 11.11 5.27
CA SER A 6 4.75 10.47 4.65
C SER A 6 4.31 9.53 3.53
N GLY A 7 5.10 9.50 2.46
CA GLY A 7 4.79 8.64 1.34
C GLY A 7 5.89 7.63 1.06
N GLU A 8 5.85 6.50 1.74
CA GLU A 8 6.86 5.46 1.56
C GLU A 8 6.48 4.54 0.40
N ASP A 9 7.03 4.85 -0.78
CA ASP A 9 6.76 4.06 -1.97
C ASP A 9 7.58 2.77 -1.97
N LEU A 10 7.57 2.08 -0.84
CA LEU A 10 8.31 0.82 -0.69
C LEU A 10 8.14 -0.05 -1.94
N PRO A 11 9.10 -0.96 -2.15
CA PRO A 11 9.09 -1.87 -3.30
C PRO A 11 7.97 -2.92 -3.19
N LEU A 12 6.79 -2.56 -3.66
CA LEU A 12 5.64 -3.47 -3.62
C LEU A 12 6.03 -4.86 -4.11
N PRO A 13 5.42 -5.89 -3.52
CA PRO A 13 5.69 -7.29 -3.88
C PRO A 13 5.14 -7.63 -5.27
N PRO A 14 5.53 -8.82 -5.78
CA PRO A 14 5.09 -9.28 -7.09
C PRO A 14 3.61 -9.65 -7.12
N GLY A 15 2.80 -8.85 -7.81
CA GLY A 15 1.39 -9.11 -7.90
C GLY A 15 0.55 -7.95 -7.40
N TRP A 16 1.19 -7.03 -6.67
CA TRP A 16 0.50 -5.86 -6.12
C TRP A 16 0.62 -4.68 -7.07
N SER A 17 -0.34 -3.76 -6.98
CA SER A 17 -0.35 -2.58 -7.83
C SER A 17 -1.05 -1.42 -7.15
N VAL A 18 -0.36 -0.29 -7.03
CA VAL A 18 -0.92 0.89 -6.40
C VAL A 18 -1.58 1.80 -7.42
N ASP A 19 -2.64 2.49 -7.01
CA ASP A 19 -3.37 3.39 -7.88
C ASP A 19 -4.01 4.53 -7.10
N TRP A 20 -4.08 5.71 -7.71
CA TRP A 20 -4.67 6.87 -7.05
C TRP A 20 -6.10 7.09 -7.53
N THR A 21 -7.02 7.18 -6.58
CA THR A 21 -8.44 7.38 -6.90
C THR A 21 -8.71 8.85 -7.22
N MET A 22 -9.89 9.11 -7.77
CA MET A 22 -10.28 10.48 -8.13
C MET A 22 -9.87 11.46 -7.02
N ARG A 23 -10.44 11.27 -5.83
CA ARG A 23 -10.14 12.14 -4.70
C ARG A 23 -8.64 12.44 -4.63
N GLY A 24 -7.82 11.40 -4.71
CA GLY A 24 -6.38 11.59 -4.67
C GLY A 24 -5.73 10.73 -3.62
N ARG A 25 -6.38 9.62 -3.27
CA ARG A 25 -5.86 8.70 -2.27
C ARG A 25 -5.09 7.56 -2.93
N LYS A 26 -3.99 7.15 -2.29
CA LYS A 26 -3.17 6.06 -2.82
C LYS A 26 -3.53 4.74 -2.14
N TYR A 27 -4.01 3.79 -2.93
CA TYR A 27 -4.39 2.48 -2.41
C TYR A 27 -3.68 1.37 -3.17
N TYR A 28 -3.30 0.32 -2.45
CA TYR A 28 -2.60 -0.81 -3.06
C TYR A 28 -3.57 -1.96 -3.32
N ILE A 29 -3.54 -2.49 -4.54
CA ILE A 29 -4.41 -3.61 -4.92
C ILE A 29 -3.66 -4.93 -4.89
N ASP A 30 -4.31 -5.96 -4.36
CA ASP A 30 -3.70 -7.29 -4.28
C ASP A 30 -4.32 -8.23 -5.30
N HIS A 31 -3.58 -8.55 -6.35
CA HIS A 31 -4.06 -9.44 -7.39
C HIS A 31 -3.93 -10.90 -6.96
N ASN A 32 -3.03 -11.16 -6.02
CA ASN A 32 -2.81 -12.51 -5.52
C ASN A 32 -3.95 -12.94 -4.59
N THR A 33 -4.49 -11.99 -3.85
CA THR A 33 -5.58 -12.27 -2.91
C THR A 33 -6.87 -11.61 -3.38
N ASN A 34 -6.75 -10.63 -4.27
CA ASN A 34 -7.91 -9.92 -4.79
C ASN A 34 -8.50 -8.98 -3.75
N THR A 35 -7.62 -8.26 -3.04
CA THR A 35 -8.04 -7.32 -2.01
C THR A 35 -7.19 -6.06 -2.03
N THR A 36 -7.78 -4.96 -1.60
CA THR A 36 -7.07 -3.68 -1.56
C THR A 36 -6.66 -3.31 -0.13
N HIS A 37 -5.61 -2.52 -0.01
CA HIS A 37 -5.13 -2.10 1.30
C HIS A 37 -4.72 -0.63 1.29
N TRP A 38 -5.30 0.15 2.19
CA TRP A 38 -4.99 1.57 2.27
C TRP A 38 -3.51 1.80 2.58
N SER A 39 -2.95 0.96 3.44
CA SER A 39 -1.55 1.07 3.81
C SER A 39 -0.70 0.05 3.05
N HIS A 40 0.62 0.26 3.07
CA HIS A 40 1.53 -0.64 2.38
C HIS A 40 1.51 -2.03 3.01
N PRO A 41 1.57 -3.06 2.16
CA PRO A 41 1.56 -4.46 2.61
C PRO A 41 2.84 -4.85 3.33
N LEU A 42 3.94 -4.18 2.98
CA LEU A 42 5.24 -4.46 3.60
C LEU A 42 5.40 -3.68 4.90
N GLU A 43 4.79 -2.50 4.95
CA GLU A 43 4.88 -1.65 6.14
C GLU A 43 4.31 -2.38 7.35
N SER A 44 5.20 -2.93 8.18
CA SER A 44 4.79 -3.66 9.37
C SER A 44 6.00 -3.95 10.26
N GLY A 45 5.90 -3.57 11.53
CA GLY A 45 6.97 -3.80 12.47
C GLY A 45 6.48 -4.06 13.88
N PRO A 46 6.43 -3.00 14.70
CA PRO A 46 5.97 -3.10 16.09
C PRO A 46 4.47 -3.38 16.19
N SER A 47 4.06 -3.97 17.31
CA SER A 47 2.65 -4.29 17.53
C SER A 47 2.05 -3.39 18.61
N SER A 48 2.78 -3.22 19.70
CA SER A 48 2.32 -2.39 20.81
C SER A 48 2.74 -0.93 20.61
N GLY A 49 2.62 -0.45 19.38
CA GLY A 49 3.00 0.91 19.08
C GLY A 49 1.99 1.92 19.59
N GLY A 1 0.15 5.17 12.66
CA GLY A 1 -0.66 5.67 13.76
C GLY A 1 -1.00 7.14 13.60
N SER A 2 -0.51 7.97 14.52
CA SER A 2 -0.77 9.39 14.49
C SER A 2 0.17 10.10 13.51
N SER A 3 1.47 9.95 13.75
CA SER A 3 2.47 10.58 12.90
C SER A 3 3.05 9.57 11.91
N GLY A 4 2.62 9.68 10.65
CA GLY A 4 3.11 8.78 9.63
C GLY A 4 2.07 8.51 8.56
N SER A 5 2.01 7.27 8.07
CA SER A 5 1.06 6.90 7.04
C SER A 5 1.19 7.82 5.83
N SER A 6 2.42 8.12 5.43
CA SER A 6 2.67 9.00 4.30
C SER A 6 2.96 8.19 3.03
N GLY A 7 3.60 7.04 3.21
CA GLY A 7 3.92 6.20 2.07
C GLY A 7 5.37 6.31 1.66
N GLU A 8 6.16 5.27 1.98
CA GLU A 8 7.58 5.27 1.63
C GLU A 8 7.81 4.63 0.27
N ASP A 9 6.77 4.64 -0.56
CA ASP A 9 6.86 4.08 -1.90
C ASP A 9 7.68 2.79 -1.88
N LEU A 10 7.54 2.02 -0.81
CA LEU A 10 8.28 0.76 -0.68
C LEU A 10 8.14 -0.09 -1.93
N PRO A 11 9.10 -1.00 -2.14
CA PRO A 11 9.10 -1.90 -3.30
C PRO A 11 7.99 -2.95 -3.23
N LEU A 12 6.80 -2.57 -3.67
CA LEU A 12 5.65 -3.48 -3.66
C LEU A 12 6.05 -4.85 -4.17
N PRO A 13 5.45 -5.90 -3.57
CA PRO A 13 5.72 -7.29 -3.96
C PRO A 13 5.17 -7.62 -5.34
N PRO A 14 5.56 -8.80 -5.87
CA PRO A 14 5.12 -9.25 -7.19
C PRO A 14 3.65 -9.65 -7.19
N GLY A 15 2.82 -8.82 -7.82
CA GLY A 15 1.40 -9.10 -7.88
C GLY A 15 0.56 -7.93 -7.40
N TRP A 16 1.18 -7.00 -6.69
CA TRP A 16 0.48 -5.83 -6.17
C TRP A 16 0.59 -4.66 -7.14
N SER A 17 -0.34 -3.71 -7.01
CA SER A 17 -0.36 -2.54 -7.88
C SER A 17 -1.04 -1.36 -7.20
N VAL A 18 -0.34 -0.24 -7.14
CA VAL A 18 -0.89 0.97 -6.50
C VAL A 18 -1.60 1.85 -7.53
N ASP A 19 -2.67 2.51 -7.08
CA ASP A 19 -3.44 3.38 -7.95
C ASP A 19 -4.08 4.52 -7.15
N TRP A 20 -4.06 5.72 -7.72
CA TRP A 20 -4.63 6.88 -7.06
C TRP A 20 -6.05 7.13 -7.55
N THR A 21 -6.99 7.28 -6.61
CA THR A 21 -8.38 7.52 -6.95
C THR A 21 -8.62 8.99 -7.25
N MET A 22 -9.80 9.29 -7.79
CA MET A 22 -10.16 10.68 -8.12
C MET A 22 -9.83 11.61 -6.97
N ARG A 23 -10.42 11.35 -5.80
CA ARG A 23 -10.18 12.18 -4.63
C ARG A 23 -8.70 12.50 -4.47
N GLY A 24 -7.87 11.49 -4.71
CA GLY A 24 -6.43 11.68 -4.59
C GLY A 24 -5.81 10.79 -3.52
N ARG A 25 -6.43 9.63 -3.30
CA ARG A 25 -5.94 8.69 -2.31
C ARG A 25 -5.17 7.54 -2.98
N LYS A 26 -4.05 7.15 -2.37
CA LYS A 26 -3.23 6.06 -2.90
C LYS A 26 -3.59 4.74 -2.24
N TYR A 27 -4.09 3.80 -3.03
CA TYR A 27 -4.46 2.49 -2.52
C TYR A 27 -3.73 1.39 -3.27
N TYR A 28 -3.38 0.32 -2.55
CA TYR A 28 -2.67 -0.81 -3.14
C TYR A 28 -3.62 -1.99 -3.37
N ILE A 29 -3.64 -2.49 -4.60
CA ILE A 29 -4.49 -3.61 -4.95
C ILE A 29 -3.71 -4.92 -4.94
N ASP A 30 -4.30 -5.95 -4.35
CA ASP A 30 -3.66 -7.26 -4.26
C ASP A 30 -4.29 -8.23 -5.25
N HIS A 31 -3.53 -8.55 -6.31
CA HIS A 31 -4.01 -9.47 -7.33
C HIS A 31 -3.83 -10.93 -6.89
N ASN A 32 -2.94 -11.14 -5.92
CA ASN A 32 -2.69 -12.47 -5.42
C ASN A 32 -3.83 -12.95 -4.51
N THR A 33 -4.38 -12.03 -3.74
CA THR A 33 -5.47 -12.35 -2.84
C THR A 33 -6.77 -11.68 -3.28
N ASN A 34 -6.64 -10.70 -4.17
CA ASN A 34 -7.81 -9.98 -4.69
C ASN A 34 -8.41 -9.09 -3.61
N THR A 35 -7.56 -8.30 -2.95
CA THR A 35 -8.01 -7.40 -1.90
C THR A 35 -7.25 -6.09 -1.95
N THR A 36 -7.88 -5.02 -1.45
CA THR A 36 -7.27 -3.70 -1.44
C THR A 36 -6.80 -3.33 -0.04
N HIS A 37 -5.77 -2.50 0.03
CA HIS A 37 -5.22 -2.06 1.31
C HIS A 37 -4.73 -0.61 1.23
N TRP A 38 -5.28 0.24 2.08
CA TRP A 38 -4.89 1.64 2.11
C TRP A 38 -3.40 1.81 2.42
N SER A 39 -2.91 0.99 3.35
CA SER A 39 -1.50 1.04 3.74
C SER A 39 -0.69 0.00 2.99
N HIS A 40 0.63 0.13 3.03
CA HIS A 40 1.51 -0.81 2.35
C HIS A 40 1.52 -2.16 3.04
N PRO A 41 1.54 -3.24 2.25
CA PRO A 41 1.54 -4.61 2.77
C PRO A 41 2.85 -4.97 3.46
N LEU A 42 3.92 -4.27 3.10
CA LEU A 42 5.23 -4.51 3.69
C LEU A 42 5.39 -3.74 5.00
N GLU A 43 4.79 -2.56 5.06
CA GLU A 43 4.86 -1.72 6.25
C GLU A 43 4.20 -2.41 7.44
N SER A 44 2.93 -2.75 7.30
CA SER A 44 2.19 -3.41 8.36
C SER A 44 2.33 -4.92 8.27
N GLY A 45 3.06 -5.51 9.21
CA GLY A 45 3.25 -6.95 9.21
C GLY A 45 3.86 -7.45 10.50
N PRO A 46 3.06 -7.46 11.58
CA PRO A 46 3.51 -7.91 12.90
C PRO A 46 3.73 -9.41 12.95
N SER A 47 4.98 -9.81 13.20
CA SER A 47 5.34 -11.22 13.27
C SER A 47 4.83 -11.85 14.56
N SER A 48 3.87 -12.76 14.43
CA SER A 48 3.29 -13.43 15.58
C SER A 48 4.20 -14.56 16.06
N GLY A 49 4.65 -15.38 15.12
CA GLY A 49 5.52 -16.50 15.46
C GLY A 49 5.20 -17.75 14.67
N GLY A 1 3.55 14.74 4.98
CA GLY A 1 3.68 15.67 3.87
C GLY A 1 2.52 16.63 3.79
N SER A 2 2.53 17.65 4.63
CA SER A 2 1.47 18.65 4.66
C SER A 2 0.10 17.98 4.75
N SER A 3 0.00 16.96 5.59
CA SER A 3 -1.25 16.22 5.78
C SER A 3 -1.65 15.51 4.49
N GLY A 4 -0.67 14.91 3.82
CA GLY A 4 -0.95 14.20 2.58
C GLY A 4 -1.07 12.71 2.78
N SER A 5 -0.97 11.95 1.69
CA SER A 5 -1.06 10.49 1.75
C SER A 5 0.23 9.84 1.28
N SER A 6 0.68 10.22 0.09
CA SER A 6 1.90 9.67 -0.49
C SER A 6 3.02 9.67 0.54
N GLY A 7 3.57 8.49 0.82
CA GLY A 7 4.66 8.37 1.77
C GLY A 7 5.73 7.41 1.33
N GLU A 8 6.00 6.39 2.15
CA GLU A 8 7.01 5.40 1.84
C GLU A 8 6.55 4.49 0.69
N ASP A 9 6.93 4.86 -0.53
CA ASP A 9 6.57 4.09 -1.71
C ASP A 9 7.41 2.81 -1.81
N LEU A 10 7.51 2.09 -0.71
CA LEU A 10 8.29 0.86 -0.67
C LEU A 10 8.07 0.04 -1.94
N PRO A 11 9.03 -0.84 -2.25
CA PRO A 11 8.96 -1.70 -3.44
C PRO A 11 7.90 -2.78 -3.31
N LEU A 12 6.67 -2.42 -3.68
CA LEU A 12 5.55 -3.36 -3.61
C LEU A 12 5.97 -4.75 -4.08
N PRO A 13 5.36 -5.78 -3.48
CA PRO A 13 5.65 -7.18 -3.83
C PRO A 13 5.16 -7.56 -5.22
N PRO A 14 5.60 -8.71 -5.72
CA PRO A 14 5.20 -9.21 -7.05
C PRO A 14 3.74 -9.64 -7.08
N GLY A 15 2.90 -8.83 -7.72
CA GLY A 15 1.49 -9.14 -7.83
C GLY A 15 0.61 -8.00 -7.37
N TRP A 16 1.20 -7.05 -6.66
CA TRP A 16 0.46 -5.89 -6.16
C TRP A 16 0.55 -4.72 -7.14
N SER A 17 -0.38 -3.79 -7.02
CA SER A 17 -0.41 -2.62 -7.89
C SER A 17 -1.10 -1.44 -7.20
N VAL A 18 -0.40 -0.31 -7.15
CA VAL A 18 -0.94 0.89 -6.52
C VAL A 18 -1.66 1.77 -7.54
N ASP A 19 -2.71 2.45 -7.08
CA ASP A 19 -3.48 3.33 -7.95
C ASP A 19 -4.10 4.47 -7.16
N TRP A 20 -4.08 5.66 -7.74
CA TRP A 20 -4.64 6.84 -7.09
C TRP A 20 -6.08 7.09 -7.55
N THR A 21 -6.99 7.23 -6.60
CA THR A 21 -8.39 7.47 -6.91
C THR A 21 -8.64 8.95 -7.20
N MET A 22 -9.82 9.26 -7.73
CA MET A 22 -10.19 10.62 -8.05
C MET A 22 -9.83 11.57 -6.91
N ARG A 23 -10.39 11.30 -5.73
CA ARG A 23 -10.13 12.13 -4.56
C ARG A 23 -8.65 12.45 -4.44
N GLY A 24 -7.80 11.45 -4.69
CA GLY A 24 -6.36 11.66 -4.61
C GLY A 24 -5.72 10.76 -3.57
N ARG A 25 -6.35 9.63 -3.29
CA ARG A 25 -5.82 8.69 -2.31
C ARG A 25 -5.08 7.54 -2.99
N LYS A 26 -3.96 7.13 -2.40
CA LYS A 26 -3.15 6.04 -2.95
C LYS A 26 -3.49 4.72 -2.27
N TYR A 27 -4.06 3.80 -3.03
CA TYR A 27 -4.43 2.50 -2.50
C TYR A 27 -3.72 1.38 -3.24
N TYR A 28 -3.35 0.33 -2.52
CA TYR A 28 -2.65 -0.81 -3.12
C TYR A 28 -3.61 -1.97 -3.33
N ILE A 29 -3.60 -2.52 -4.54
CA ILE A 29 -4.46 -3.65 -4.88
C ILE A 29 -3.68 -4.95 -4.90
N ASP A 30 -4.27 -6.00 -4.35
CA ASP A 30 -3.64 -7.31 -4.30
C ASP A 30 -4.28 -8.26 -5.31
N HIS A 31 -3.52 -8.62 -6.34
CA HIS A 31 -4.01 -9.52 -7.38
C HIS A 31 -3.88 -10.97 -6.94
N ASN A 32 -3.00 -11.22 -5.96
CA ASN A 32 -2.78 -12.56 -5.45
C ASN A 32 -3.94 -13.01 -4.56
N THR A 33 -4.47 -12.08 -3.78
CA THR A 33 -5.59 -12.38 -2.89
C THR A 33 -6.86 -11.68 -3.35
N ASN A 34 -6.70 -10.66 -4.20
CA ASN A 34 -7.84 -9.91 -4.71
C ASN A 34 -8.42 -9.00 -3.64
N THR A 35 -7.54 -8.26 -2.96
CA THR A 35 -7.96 -7.34 -1.91
C THR A 35 -7.14 -6.06 -1.94
N THR A 36 -7.74 -4.96 -1.51
CA THR A 36 -7.06 -3.67 -1.48
C THR A 36 -6.64 -3.30 -0.06
N HIS A 37 -5.61 -2.47 0.04
CA HIS A 37 -5.11 -2.03 1.34
C HIS A 37 -4.63 -0.58 1.28
N TRP A 38 -5.17 0.24 2.17
CA TRP A 38 -4.80 1.66 2.22
C TRP A 38 -3.31 1.83 2.51
N SER A 39 -2.80 1.00 3.44
CA SER A 39 -1.40 1.06 3.81
C SER A 39 -0.58 0.01 3.05
N HIS A 40 0.72 0.24 2.96
CA HIS A 40 1.61 -0.68 2.26
C HIS A 40 1.51 -2.09 2.87
N PRO A 41 1.54 -3.11 2.00
CA PRO A 41 1.46 -4.50 2.43
C PRO A 41 2.73 -4.96 3.17
N LEU A 42 3.81 -4.20 2.99
CA LEU A 42 5.08 -4.53 3.64
C LEU A 42 5.21 -3.82 4.98
N GLU A 43 4.53 -2.67 5.10
CA GLU A 43 4.57 -1.89 6.33
C GLU A 43 3.86 -2.63 7.47
N SER A 44 2.58 -2.93 7.24
CA SER A 44 1.78 -3.62 8.25
C SER A 44 1.95 -5.13 8.13
N GLY A 45 2.96 -5.67 8.82
CA GLY A 45 3.21 -7.09 8.78
C GLY A 45 4.67 -7.43 9.04
N PRO A 46 5.15 -7.14 10.26
CA PRO A 46 6.53 -7.40 10.65
C PRO A 46 6.82 -8.89 10.79
N SER A 47 8.04 -9.21 11.20
CA SER A 47 8.44 -10.61 11.37
C SER A 47 8.90 -10.87 12.80
N SER A 48 8.30 -11.88 13.43
CA SER A 48 8.63 -12.23 14.80
C SER A 48 9.39 -13.57 14.85
N GLY A 49 10.32 -13.75 13.92
CA GLY A 49 11.09 -14.98 13.87
C GLY A 49 12.35 -14.91 14.72
N GLY A 1 0.72 14.25 13.01
CA GLY A 1 0.32 13.00 12.40
C GLY A 1 -1.12 12.63 12.69
N SER A 2 -1.87 12.32 11.64
CA SER A 2 -3.28 11.95 11.79
C SER A 2 -3.65 10.84 10.82
N SER A 3 -4.71 10.10 11.16
CA SER A 3 -5.17 9.00 10.32
C SER A 3 -5.03 9.35 8.83
N GLY A 4 -4.06 8.73 8.18
CA GLY A 4 -3.84 9.00 6.76
C GLY A 4 -2.57 8.37 6.25
N SER A 5 -2.21 8.69 5.00
CA SER A 5 -1.01 8.15 4.39
C SER A 5 0.10 9.21 4.34
N SER A 6 1.32 8.77 4.03
CA SER A 6 2.45 9.68 3.96
C SER A 6 3.02 9.71 2.53
N GLY A 7 3.37 8.54 2.02
CA GLY A 7 3.93 8.45 0.68
C GLY A 7 5.09 7.49 0.59
N GLU A 8 4.89 6.25 1.05
CA GLU A 8 5.93 5.25 1.03
C GLU A 8 5.86 4.43 -0.26
N ASP A 9 6.74 4.75 -1.20
CA ASP A 9 6.79 4.04 -2.48
C ASP A 9 7.62 2.76 -2.35
N LEU A 10 7.52 2.11 -1.21
CA LEU A 10 8.26 0.87 -0.97
C LEU A 10 8.16 -0.07 -2.17
N PRO A 11 9.13 -0.98 -2.29
CA PRO A 11 9.16 -1.96 -3.39
C PRO A 11 8.06 -3.01 -3.26
N LEU A 12 6.86 -2.65 -3.72
CA LEU A 12 5.72 -3.55 -3.66
C LEU A 12 6.10 -4.94 -4.17
N PRO A 13 5.48 -5.98 -3.58
CA PRO A 13 5.74 -7.38 -3.97
C PRO A 13 5.19 -7.70 -5.36
N PRO A 14 5.60 -8.86 -5.89
CA PRO A 14 5.15 -9.32 -7.21
C PRO A 14 3.67 -9.71 -7.23
N GLY A 15 2.86 -8.87 -7.85
CA GLY A 15 1.43 -9.14 -7.91
C GLY A 15 0.59 -7.99 -7.42
N TRP A 16 1.23 -7.05 -6.72
CA TRP A 16 0.53 -5.89 -6.18
C TRP A 16 0.65 -4.70 -7.13
N SER A 17 -0.30 -3.77 -7.02
CA SER A 17 -0.30 -2.59 -7.87
C SER A 17 -1.01 -1.43 -7.18
N VAL A 18 -0.32 -0.29 -7.08
CA VAL A 18 -0.88 0.89 -6.44
C VAL A 18 -1.57 1.78 -7.46
N ASP A 19 -2.58 2.52 -7.00
CA ASP A 19 -3.33 3.42 -7.88
C ASP A 19 -3.99 4.53 -7.07
N TRP A 20 -4.01 5.74 -7.63
CA TRP A 20 -4.61 6.88 -6.96
C TRP A 20 -6.05 7.08 -7.41
N THR A 21 -6.95 7.23 -6.44
CA THR A 21 -8.37 7.43 -6.74
C THR A 21 -8.67 8.87 -7.11
N MET A 22 -9.84 9.10 -7.67
CA MET A 22 -10.25 10.44 -8.08
C MET A 22 -9.89 11.46 -7.01
N ARG A 23 -10.43 11.27 -5.81
CA ARG A 23 -10.17 12.17 -4.70
C ARG A 23 -8.69 12.52 -4.60
N GLY A 24 -7.85 11.47 -4.64
CA GLY A 24 -6.41 11.68 -4.55
C GLY A 24 -5.76 10.79 -3.51
N ARG A 25 -6.38 9.66 -3.24
CA ARG A 25 -5.86 8.72 -2.25
C ARG A 25 -5.13 7.57 -2.93
N LYS A 26 -4.00 7.17 -2.35
CA LYS A 26 -3.20 6.08 -2.91
C LYS A 26 -3.54 4.75 -2.22
N TYR A 27 -4.00 3.79 -3.00
CA TYR A 27 -4.37 2.48 -2.47
C TYR A 27 -3.65 1.36 -3.23
N TYR A 28 -3.32 0.29 -2.53
CA TYR A 28 -2.64 -0.85 -3.12
C TYR A 28 -3.60 -2.00 -3.37
N ILE A 29 -3.57 -2.53 -4.59
CA ILE A 29 -4.44 -3.65 -4.95
C ILE A 29 -3.67 -4.97 -4.95
N ASP A 30 -4.30 -6.01 -4.39
CA ASP A 30 -3.67 -7.33 -4.34
C ASP A 30 -4.32 -8.27 -5.34
N HIS A 31 -3.57 -8.60 -6.40
CA HIS A 31 -4.07 -9.50 -7.43
C HIS A 31 -3.94 -10.96 -6.99
N ASN A 32 -3.06 -11.20 -6.03
CA ASN A 32 -2.85 -12.55 -5.52
C ASN A 32 -3.97 -12.97 -4.58
N THR A 33 -4.49 -12.00 -3.83
CA THR A 33 -5.58 -12.27 -2.89
C THR A 33 -6.86 -11.59 -3.34
N ASN A 34 -6.74 -10.65 -4.26
CA ASN A 34 -7.90 -9.92 -4.78
C ASN A 34 -8.47 -8.99 -3.71
N THR A 35 -7.59 -8.28 -3.02
CA THR A 35 -8.00 -7.35 -1.98
C THR A 35 -7.14 -6.09 -1.99
N THR A 36 -7.72 -4.97 -1.55
CA THR A 36 -7.02 -3.70 -1.51
C THR A 36 -6.64 -3.33 -0.09
N HIS A 37 -5.60 -2.51 0.06
CA HIS A 37 -5.14 -2.08 1.36
C HIS A 37 -4.72 -0.61 1.34
N TRP A 38 -5.28 0.17 2.25
CA TRP A 38 -4.98 1.60 2.33
C TRP A 38 -3.49 1.82 2.59
N SER A 39 -2.92 1.00 3.47
CA SER A 39 -1.51 1.11 3.82
C SER A 39 -0.69 0.03 3.12
N HIS A 40 0.60 0.29 2.94
CA HIS A 40 1.49 -0.67 2.29
C HIS A 40 1.44 -2.01 2.99
N PRO A 41 1.46 -3.10 2.20
CA PRO A 41 1.43 -4.47 2.72
C PRO A 41 2.73 -4.84 3.44
N LEU A 42 3.77 -4.07 3.21
CA LEU A 42 5.07 -4.32 3.84
C LEU A 42 5.23 -3.49 5.11
N GLU A 43 4.56 -2.34 5.15
CA GLU A 43 4.63 -1.46 6.31
C GLU A 43 4.13 -2.18 7.56
N SER A 44 2.90 -2.67 7.50
CA SER A 44 2.31 -3.37 8.64
C SER A 44 1.12 -4.22 8.18
N GLY A 45 0.78 -5.22 8.99
CA GLY A 45 -0.34 -6.09 8.66
C GLY A 45 -0.37 -7.34 9.51
N PRO A 46 -1.58 -7.83 9.82
CA PRO A 46 -1.78 -9.03 10.63
C PRO A 46 -1.35 -10.29 9.91
N SER A 47 -0.82 -10.13 8.70
CA SER A 47 -0.36 -11.27 7.91
C SER A 47 1.11 -11.57 8.18
N SER A 48 1.57 -12.71 7.67
CA SER A 48 2.96 -13.12 7.86
C SER A 48 3.57 -13.59 6.55
N GLY A 49 4.65 -12.93 6.12
CA GLY A 49 5.30 -13.30 4.89
C GLY A 49 6.81 -13.34 5.03
N GLY A 1 -0.28 14.07 10.61
CA GLY A 1 0.20 12.94 11.37
C GLY A 1 1.25 12.14 10.62
N SER A 2 1.29 10.83 10.87
CA SER A 2 2.25 9.96 10.21
C SER A 2 3.59 10.67 10.03
N SER A 3 4.01 11.40 11.05
CA SER A 3 5.27 12.14 11.00
C SER A 3 6.45 11.19 10.77
N GLY A 4 7.25 11.48 9.76
CA GLY A 4 8.39 10.64 9.45
C GLY A 4 8.81 10.73 7.99
N SER A 5 7.89 10.42 7.09
CA SER A 5 8.16 10.46 5.67
C SER A 5 6.87 10.45 4.87
N SER A 6 6.63 11.51 4.12
CA SER A 6 5.42 11.63 3.30
C SER A 6 5.12 10.31 2.59
N GLY A 7 6.15 9.69 2.04
CA GLY A 7 5.97 8.43 1.34
C GLY A 7 7.29 7.81 0.93
N GLU A 8 7.42 6.49 1.13
CA GLU A 8 8.63 5.78 0.78
C GLU A 8 8.41 4.89 -0.44
N ASP A 9 7.18 4.90 -0.95
CA ASP A 9 6.84 4.09 -2.11
C ASP A 9 7.59 2.77 -2.11
N LEU A 10 7.66 2.14 -0.93
CA LEU A 10 8.36 0.87 -0.79
C LEU A 10 8.14 -0.01 -2.01
N PRO A 11 9.11 -0.91 -2.27
CA PRO A 11 9.05 -1.83 -3.42
C PRO A 11 7.97 -2.89 -3.23
N LEU A 12 6.75 -2.58 -3.68
CA LEU A 12 5.64 -3.51 -3.58
C LEU A 12 6.04 -4.90 -4.05
N PRO A 13 5.41 -5.93 -3.47
CA PRO A 13 5.68 -7.32 -3.82
C PRO A 13 5.16 -7.68 -5.22
N PRO A 14 5.59 -8.85 -5.72
CA PRO A 14 5.19 -9.33 -7.05
C PRO A 14 3.72 -9.73 -7.09
N GLY A 15 2.90 -8.89 -7.73
CA GLY A 15 1.49 -9.18 -7.83
C GLY A 15 0.62 -8.03 -7.32
N TRP A 16 1.26 -7.06 -6.68
CA TRP A 16 0.54 -5.91 -6.15
C TRP A 16 0.67 -4.71 -7.07
N SER A 17 -0.26 -3.76 -6.96
CA SER A 17 -0.26 -2.57 -7.79
C SER A 17 -0.99 -1.43 -7.11
N VAL A 18 -0.32 -0.28 -6.98
CA VAL A 18 -0.91 0.89 -6.35
C VAL A 18 -1.59 1.78 -7.37
N ASP A 19 -2.65 2.46 -6.95
CA ASP A 19 -3.39 3.36 -7.83
C ASP A 19 -4.03 4.50 -7.05
N TRP A 20 -4.05 5.68 -7.64
CA TRP A 20 -4.64 6.86 -6.99
C TRP A 20 -6.06 7.10 -7.49
N THR A 21 -6.99 7.20 -6.55
CA THR A 21 -8.40 7.44 -6.90
C THR A 21 -8.64 8.91 -7.22
N MET A 22 -9.78 9.19 -7.85
CA MET A 22 -10.14 10.56 -8.21
C MET A 22 -9.85 11.51 -7.06
N ARG A 23 -10.36 11.20 -5.87
CA ARG A 23 -10.16 12.03 -4.70
C ARG A 23 -8.69 12.36 -4.52
N GLY A 24 -7.83 11.35 -4.69
CA GLY A 24 -6.40 11.56 -4.54
C GLY A 24 -5.80 10.67 -3.47
N ARG A 25 -6.43 9.53 -3.22
CA ARG A 25 -5.94 8.59 -2.21
C ARG A 25 -5.15 7.46 -2.86
N LYS A 26 -4.06 7.07 -2.21
CA LYS A 26 -3.21 6.00 -2.72
C LYS A 26 -3.57 4.67 -2.07
N TYR A 27 -4.06 3.73 -2.88
CA TYR A 27 -4.44 2.42 -2.38
C TYR A 27 -3.71 1.31 -3.14
N TYR A 28 -3.35 0.25 -2.44
CA TYR A 28 -2.65 -0.88 -3.04
C TYR A 28 -3.61 -2.03 -3.31
N ILE A 29 -3.60 -2.51 -4.55
CA ILE A 29 -4.47 -3.62 -4.94
C ILE A 29 -3.69 -4.94 -4.97
N ASP A 30 -4.29 -5.98 -4.41
CA ASP A 30 -3.66 -7.30 -4.38
C ASP A 30 -4.31 -8.24 -5.39
N HIS A 31 -3.56 -8.56 -6.44
CA HIS A 31 -4.05 -9.45 -7.49
C HIS A 31 -3.95 -10.91 -7.05
N ASN A 32 -3.06 -11.17 -6.09
CA ASN A 32 -2.86 -12.53 -5.59
C ASN A 32 -3.98 -12.92 -4.63
N THR A 33 -4.45 -11.97 -3.84
CA THR A 33 -5.52 -12.22 -2.88
C THR A 33 -6.82 -11.53 -3.32
N ASN A 34 -6.71 -10.59 -4.24
CA ASN A 34 -7.86 -9.86 -4.73
C ASN A 34 -8.45 -8.96 -3.65
N THR A 35 -7.58 -8.22 -2.98
CA THR A 35 -8.02 -7.32 -1.92
C THR A 35 -7.25 -6.00 -1.97
N THR A 36 -7.88 -4.94 -1.45
CA THR A 36 -7.26 -3.62 -1.44
C THR A 36 -6.80 -3.24 -0.04
N HIS A 37 -5.76 -2.41 0.03
CA HIS A 37 -5.22 -1.95 1.31
C HIS A 37 -4.76 -0.51 1.23
N TRP A 38 -5.24 0.31 2.15
CA TRP A 38 -4.88 1.72 2.19
C TRP A 38 -3.40 1.90 2.50
N SER A 39 -2.89 1.05 3.39
CA SER A 39 -1.48 1.11 3.80
C SER A 39 -0.66 0.08 3.02
N HIS A 40 0.65 0.31 2.98
CA HIS A 40 1.55 -0.59 2.28
C HIS A 40 1.50 -1.99 2.88
N PRO A 41 1.56 -3.01 2.02
CA PRO A 41 1.51 -4.42 2.44
C PRO A 41 2.79 -4.84 3.16
N LEU A 42 3.88 -4.14 2.89
CA LEU A 42 5.15 -4.44 3.51
C LEU A 42 5.31 -3.70 4.84
N GLU A 43 4.69 -2.53 4.93
CA GLU A 43 4.75 -1.71 6.14
C GLU A 43 4.04 -2.42 7.29
N SER A 44 2.85 -2.94 7.02
CA SER A 44 2.06 -3.63 8.04
C SER A 44 2.80 -4.87 8.55
N GLY A 45 3.03 -4.90 9.85
CA GLY A 45 3.73 -6.04 10.45
C GLY A 45 3.84 -5.92 11.95
N PRO A 46 4.08 -7.06 12.61
CA PRO A 46 4.22 -7.11 14.07
C PRO A 46 5.50 -6.43 14.56
N SER A 47 6.49 -6.36 13.68
CA SER A 47 7.77 -5.74 14.02
C SER A 47 8.22 -6.16 15.42
N SER A 48 8.04 -7.44 15.73
CA SER A 48 8.43 -7.97 17.04
C SER A 48 9.94 -8.16 17.12
N GLY A 49 10.47 -8.99 16.22
CA GLY A 49 11.89 -9.24 16.21
C GLY A 49 12.25 -10.58 16.85
N GLY A 1 0.75 24.70 -3.23
CA GLY A 1 0.65 23.27 -3.46
C GLY A 1 1.66 22.48 -2.65
N SER A 2 1.17 21.57 -1.82
CA SER A 2 2.04 20.75 -0.99
C SER A 2 2.75 19.69 -1.82
N SER A 3 3.79 19.10 -1.25
CA SER A 3 4.56 18.07 -1.93
C SER A 3 3.64 17.07 -2.64
N GLY A 4 3.69 17.06 -3.96
CA GLY A 4 2.86 16.15 -4.73
C GLY A 4 3.07 14.70 -4.35
N SER A 5 4.33 14.30 -4.27
CA SER A 5 4.66 12.92 -3.91
C SER A 5 4.95 12.80 -2.42
N SER A 6 4.20 11.92 -1.75
CA SER A 6 4.37 11.72 -0.32
C SER A 6 3.95 10.30 0.07
N GLY A 7 4.77 9.65 0.90
CA GLY A 7 4.47 8.31 1.35
C GLY A 7 5.61 7.34 1.07
N GLU A 8 5.62 6.23 1.80
CA GLU A 8 6.66 5.22 1.63
C GLU A 8 6.40 4.37 0.39
N ASP A 9 7.04 4.73 -0.72
CA ASP A 9 6.88 4.00 -1.97
C ASP A 9 7.70 2.72 -1.96
N LEU A 10 7.63 1.98 -0.87
CA LEU A 10 8.37 0.73 -0.73
C LEU A 10 8.21 -0.14 -1.97
N PRO A 11 9.16 -1.05 -2.19
CA PRO A 11 9.15 -1.96 -3.34
C PRO A 11 8.04 -3.01 -3.22
N LEU A 12 6.84 -2.65 -3.66
CA LEU A 12 5.70 -3.55 -3.61
C LEU A 12 6.08 -4.94 -4.11
N PRO A 13 5.47 -5.98 -3.52
CA PRO A 13 5.73 -7.38 -3.90
C PRO A 13 5.18 -7.71 -5.28
N PRO A 14 5.59 -8.87 -5.80
CA PRO A 14 5.15 -9.34 -7.13
C PRO A 14 3.68 -9.73 -7.15
N GLY A 15 2.87 -8.91 -7.80
CA GLY A 15 1.44 -9.17 -7.88
C GLY A 15 0.60 -8.03 -7.36
N TRP A 16 1.24 -7.08 -6.70
CA TRP A 16 0.54 -5.92 -6.16
C TRP A 16 0.66 -4.72 -7.10
N SER A 17 -0.29 -3.79 -6.98
CA SER A 17 -0.31 -2.61 -7.82
C SER A 17 -1.04 -1.46 -7.14
N VAL A 18 -0.37 -0.33 -7.00
CA VAL A 18 -0.96 0.85 -6.36
C VAL A 18 -1.64 1.75 -7.39
N ASP A 19 -2.71 2.41 -6.98
CA ASP A 19 -3.44 3.31 -7.87
C ASP A 19 -4.08 4.44 -7.07
N TRP A 20 -4.12 5.63 -7.69
CA TRP A 20 -4.70 6.80 -7.04
C TRP A 20 -6.15 7.02 -7.49
N THR A 21 -7.07 7.06 -6.54
CA THR A 21 -8.48 7.26 -6.85
C THR A 21 -8.75 8.71 -7.23
N MET A 22 -9.95 8.96 -7.77
CA MET A 22 -10.33 10.30 -8.18
C MET A 22 -10.00 11.32 -7.10
N ARG A 23 -10.55 11.11 -5.91
CA ARG A 23 -10.32 12.00 -4.78
C ARG A 23 -8.84 12.35 -4.67
N GLY A 24 -7.99 11.34 -4.79
CA GLY A 24 -6.56 11.56 -4.69
C GLY A 24 -5.92 10.74 -3.60
N ARG A 25 -6.48 9.56 -3.33
CA ARG A 25 -5.96 8.68 -2.30
C ARG A 25 -5.13 7.55 -2.90
N LYS A 26 -4.02 7.22 -2.26
CA LYS A 26 -3.13 6.16 -2.73
C LYS A 26 -3.44 4.84 -2.04
N TYR A 27 -3.88 3.86 -2.82
CA TYR A 27 -4.21 2.54 -2.28
C TYR A 27 -3.52 1.44 -3.06
N TYR A 28 -3.22 0.33 -2.38
CA TYR A 28 -2.56 -0.80 -3.01
C TYR A 28 -3.54 -1.93 -3.28
N ILE A 29 -3.49 -2.48 -4.49
CA ILE A 29 -4.37 -3.56 -4.88
C ILE A 29 -3.62 -4.89 -4.91
N ASP A 30 -4.26 -5.94 -4.41
CA ASP A 30 -3.66 -7.27 -4.38
C ASP A 30 -4.31 -8.17 -5.42
N HIS A 31 -3.56 -8.51 -6.46
CA HIS A 31 -4.06 -9.37 -7.53
C HIS A 31 -4.00 -10.83 -7.10
N ASN A 32 -3.14 -11.13 -6.15
CA ASN A 32 -2.99 -12.50 -5.66
C ASN A 32 -4.12 -12.86 -4.70
N THR A 33 -4.58 -11.88 -3.93
CA THR A 33 -5.66 -12.10 -2.98
C THR A 33 -6.93 -11.38 -3.41
N ASN A 34 -6.79 -10.46 -4.36
CA ASN A 34 -7.92 -9.70 -4.87
C ASN A 34 -8.49 -8.78 -3.79
N THR A 35 -7.60 -8.08 -3.09
CA THR A 35 -8.01 -7.16 -2.03
C THR A 35 -7.13 -5.90 -2.03
N THR A 36 -7.72 -4.79 -1.59
CA THR A 36 -7.00 -3.53 -1.54
C THR A 36 -6.60 -3.18 -0.11
N HIS A 37 -5.54 -2.39 0.03
CA HIS A 37 -5.07 -1.99 1.35
C HIS A 37 -4.64 -0.51 1.35
N TRP A 38 -5.21 0.26 2.26
CA TRP A 38 -4.89 1.68 2.35
C TRP A 38 -3.41 1.89 2.65
N SER A 39 -2.86 1.03 3.50
CA SER A 39 -1.45 1.11 3.88
C SER A 39 -0.62 0.06 3.14
N HIS A 40 0.67 0.30 3.04
CA HIS A 40 1.57 -0.62 2.36
C HIS A 40 1.51 -2.01 3.02
N PRO A 41 1.55 -3.06 2.17
CA PRO A 41 1.50 -4.44 2.63
C PRO A 41 2.78 -4.86 3.37
N LEU A 42 3.88 -4.19 3.05
CA LEU A 42 5.16 -4.49 3.68
C LEU A 42 5.31 -3.72 5.00
N GLU A 43 4.74 -2.52 5.05
CA GLU A 43 4.81 -1.70 6.24
C GLU A 43 4.10 -2.37 7.42
N SER A 44 4.88 -3.02 8.27
CA SER A 44 4.33 -3.71 9.43
C SER A 44 5.42 -3.98 10.47
N GLY A 45 4.99 -4.24 11.70
CA GLY A 45 5.94 -4.51 12.77
C GLY A 45 6.41 -3.25 13.46
N PRO A 46 7.44 -3.38 14.31
CA PRO A 46 8.00 -2.25 15.06
C PRO A 46 8.76 -1.28 14.16
N SER A 47 8.89 -1.64 12.88
CA SER A 47 9.58 -0.80 11.91
C SER A 47 11.05 -0.63 12.31
N SER A 48 11.67 -1.72 12.76
CA SER A 48 13.07 -1.69 13.16
C SER A 48 13.91 -2.60 12.29
N GLY A 49 13.65 -2.57 10.98
CA GLY A 49 14.39 -3.40 10.05
C GLY A 49 14.92 -2.62 8.87
N GLY A 1 -8.03 20.05 -0.47
CA GLY A 1 -7.32 20.73 -1.54
C GLY A 1 -6.07 21.45 -1.03
N SER A 2 -4.93 20.77 -1.11
CA SER A 2 -3.67 21.35 -0.65
C SER A 2 -2.49 20.45 -1.02
N SER A 3 -1.32 21.04 -1.12
CA SER A 3 -0.11 20.29 -1.47
C SER A 3 0.03 19.05 -0.58
N GLY A 4 0.47 17.94 -1.18
CA GLY A 4 0.64 16.71 -0.43
C GLY A 4 2.10 16.32 -0.30
N SER A 5 2.39 15.40 0.61
CA SER A 5 3.75 14.93 0.83
C SER A 5 4.05 13.71 -0.04
N SER A 6 5.29 13.23 0.03
CA SER A 6 5.71 12.09 -0.76
C SER A 6 6.07 10.91 0.16
N GLY A 7 5.45 9.76 -0.11
CA GLY A 7 5.72 8.57 0.68
C GLY A 7 7.08 7.97 0.41
N GLU A 8 7.15 6.65 0.45
CA GLU A 8 8.41 5.94 0.20
C GLU A 8 8.27 4.97 -0.96
N ASP A 9 7.09 4.94 -1.55
CA ASP A 9 6.82 4.04 -2.68
C ASP A 9 7.58 2.74 -2.54
N LEU A 10 7.60 2.19 -1.32
CA LEU A 10 8.29 0.94 -1.05
C LEU A 10 8.17 -0.01 -2.23
N PRO A 11 9.14 -0.94 -2.34
CA PRO A 11 9.16 -1.93 -3.41
C PRO A 11 8.05 -2.97 -3.26
N LEU A 12 6.87 -2.62 -3.75
CA LEU A 12 5.72 -3.53 -3.69
C LEU A 12 6.09 -4.92 -4.18
N PRO A 13 5.48 -5.96 -3.57
CA PRO A 13 5.72 -7.35 -3.93
C PRO A 13 5.16 -7.70 -5.31
N PRO A 14 5.54 -8.88 -5.82
CA PRO A 14 5.09 -9.36 -7.13
C PRO A 14 3.61 -9.73 -7.13
N GLY A 15 2.80 -8.89 -7.78
CA GLY A 15 1.37 -9.15 -7.84
C GLY A 15 0.55 -7.98 -7.33
N TRP A 16 1.21 -7.05 -6.63
CA TRP A 16 0.54 -5.88 -6.08
C TRP A 16 0.66 -4.69 -7.02
N SER A 17 -0.30 -3.77 -6.94
CA SER A 17 -0.30 -2.58 -7.79
C SER A 17 -1.03 -1.44 -7.11
N VAL A 18 -0.35 -0.31 -6.96
CA VAL A 18 -0.93 0.87 -6.33
C VAL A 18 -1.57 1.78 -7.36
N ASP A 19 -2.66 2.44 -6.97
CA ASP A 19 -3.37 3.35 -7.88
C ASP A 19 -4.04 4.47 -7.09
N TRP A 20 -3.99 5.68 -7.64
CA TRP A 20 -4.60 6.84 -6.99
C TRP A 20 -6.03 7.06 -7.48
N THR A 21 -6.96 7.18 -6.55
CA THR A 21 -8.35 7.40 -6.89
C THR A 21 -8.62 8.85 -7.27
N MET A 22 -9.78 9.12 -7.86
CA MET A 22 -10.14 10.46 -8.27
C MET A 22 -9.90 11.45 -7.13
N ARG A 23 -10.39 11.12 -5.95
CA ARG A 23 -10.22 11.98 -4.78
C ARG A 23 -8.75 12.34 -4.57
N GLY A 24 -7.88 11.35 -4.72
CA GLY A 24 -6.46 11.59 -4.55
C GLY A 24 -5.86 10.73 -3.46
N ARG A 25 -6.43 9.54 -3.26
CA ARG A 25 -5.94 8.63 -2.23
C ARG A 25 -5.10 7.51 -2.85
N LYS A 26 -4.02 7.16 -2.18
CA LYS A 26 -3.13 6.10 -2.66
C LYS A 26 -3.46 4.77 -2.01
N TYR A 27 -3.98 3.84 -2.81
CA TYR A 27 -4.34 2.53 -2.31
C TYR A 27 -3.64 1.42 -3.09
N TYR A 28 -3.33 0.32 -2.41
CA TYR A 28 -2.65 -0.80 -3.05
C TYR A 28 -3.64 -1.92 -3.38
N ILE A 29 -3.47 -2.51 -4.56
CA ILE A 29 -4.35 -3.59 -4.99
C ILE A 29 -3.61 -4.94 -4.99
N ASP A 30 -4.27 -5.96 -4.46
CA ASP A 30 -3.68 -7.29 -4.40
C ASP A 30 -4.33 -8.22 -5.41
N HIS A 31 -3.58 -8.55 -6.46
CA HIS A 31 -4.09 -9.43 -7.51
C HIS A 31 -3.98 -10.88 -7.09
N ASN A 32 -3.11 -11.16 -6.12
CA ASN A 32 -2.91 -12.52 -5.63
C ASN A 32 -4.03 -12.92 -4.68
N THR A 33 -4.53 -11.95 -3.92
CA THR A 33 -5.61 -12.21 -2.96
C THR A 33 -6.91 -11.54 -3.42
N ASN A 34 -6.78 -10.59 -4.34
CA ASN A 34 -7.95 -9.87 -4.86
C ASN A 34 -8.52 -8.94 -3.80
N THR A 35 -7.64 -8.24 -3.09
CA THR A 35 -8.07 -7.31 -2.04
C THR A 35 -7.21 -6.06 -2.05
N THR A 36 -7.78 -4.95 -1.57
CA THR A 36 -7.06 -3.68 -1.51
C THR A 36 -6.67 -3.34 -0.09
N HIS A 37 -5.71 -2.43 0.06
CA HIS A 37 -5.24 -2.01 1.37
C HIS A 37 -4.79 -0.55 1.35
N TRP A 38 -5.35 0.25 2.25
CA TRP A 38 -5.00 1.66 2.34
C TRP A 38 -3.53 1.84 2.64
N SER A 39 -2.99 0.98 3.50
CA SER A 39 -1.58 1.05 3.89
C SER A 39 -0.77 0.00 3.15
N HIS A 40 0.54 0.21 3.09
CA HIS A 40 1.43 -0.72 2.40
C HIS A 40 1.48 -2.06 3.13
N PRO A 41 1.51 -3.16 2.35
CA PRO A 41 1.55 -4.51 2.90
C PRO A 41 2.88 -4.83 3.58
N LEU A 42 3.94 -4.14 3.15
CA LEU A 42 5.26 -4.34 3.71
C LEU A 42 5.46 -3.52 4.98
N GLU A 43 4.83 -2.34 5.01
CA GLU A 43 4.94 -1.47 6.17
C GLU A 43 4.45 -2.17 7.43
N SER A 44 3.35 -2.90 7.32
CA SER A 44 2.79 -3.62 8.45
C SER A 44 3.80 -4.60 9.03
N GLY A 45 3.78 -4.74 10.36
CA GLY A 45 4.71 -5.64 11.03
C GLY A 45 4.10 -6.99 11.30
N PRO A 46 4.83 -7.84 12.04
CA PRO A 46 4.37 -9.19 12.39
C PRO A 46 3.21 -9.17 13.37
N SER A 47 2.76 -7.98 13.73
CA SER A 47 1.65 -7.83 14.66
C SER A 47 2.02 -8.40 16.03
N SER A 48 3.24 -8.11 16.48
CA SER A 48 3.70 -8.60 17.78
C SER A 48 4.02 -7.45 18.72
N GLY A 49 3.87 -7.68 20.01
CA GLY A 49 4.14 -6.65 20.99
C GLY A 49 3.10 -6.59 22.08
N GLY A 1 9.97 11.66 9.15
CA GLY A 1 8.76 10.85 9.27
C GLY A 1 8.33 10.65 10.71
N SER A 2 7.79 11.70 11.31
CA SER A 2 7.35 11.65 12.70
C SER A 2 5.83 11.54 12.77
N SER A 3 5.34 10.51 13.44
CA SER A 3 3.90 10.29 13.59
C SER A 3 3.25 10.10 12.23
N GLY A 4 3.90 9.32 11.37
CA GLY A 4 3.37 9.07 10.05
C GLY A 4 4.45 9.03 8.98
N SER A 5 4.09 9.44 7.77
CA SER A 5 5.03 9.45 6.65
C SER A 5 4.44 10.14 5.43
N SER A 6 5.30 10.60 4.54
CA SER A 6 4.86 11.29 3.33
C SER A 6 4.73 10.31 2.16
N GLY A 7 5.72 9.44 2.01
CA GLY A 7 5.70 8.47 0.94
C GLY A 7 7.07 7.86 0.67
N GLU A 8 7.13 6.54 0.60
CA GLU A 8 8.39 5.85 0.35
C GLU A 8 8.26 4.90 -0.83
N ASP A 9 7.08 4.89 -1.44
CA ASP A 9 6.83 4.02 -2.60
C ASP A 9 7.59 2.71 -2.47
N LEU A 10 7.58 2.14 -1.27
CA LEU A 10 8.27 0.88 -1.02
C LEU A 10 8.14 -0.07 -2.21
N PRO A 11 9.09 -1.00 -2.32
CA PRO A 11 9.11 -1.98 -3.41
C PRO A 11 7.98 -3.00 -3.29
N LEU A 12 6.79 -2.60 -3.72
CA LEU A 12 5.63 -3.48 -3.67
C LEU A 12 5.99 -4.89 -4.10
N PRO A 13 5.36 -5.89 -3.46
CA PRO A 13 5.61 -7.30 -3.77
C PRO A 13 5.05 -7.70 -5.13
N PRO A 14 5.43 -8.91 -5.58
CA PRO A 14 4.97 -9.44 -6.88
C PRO A 14 3.49 -9.79 -6.88
N GLY A 15 2.69 -8.93 -7.50
CA GLY A 15 1.26 -9.17 -7.56
C GLY A 15 0.45 -8.00 -7.01
N TRP A 16 1.14 -6.95 -6.59
CA TRP A 16 0.49 -5.77 -6.05
C TRP A 16 0.64 -4.58 -6.98
N SER A 17 -0.33 -3.67 -6.94
CA SER A 17 -0.30 -2.49 -7.80
C SER A 17 -1.00 -1.31 -7.12
N VAL A 18 -0.30 -0.19 -7.03
CA VAL A 18 -0.84 1.01 -6.40
C VAL A 18 -1.52 1.90 -7.42
N ASP A 19 -2.59 2.57 -7.01
CA ASP A 19 -3.34 3.46 -7.90
C ASP A 19 -4.00 4.57 -7.10
N TRP A 20 -3.98 5.79 -7.65
CA TRP A 20 -4.58 6.94 -6.99
C TRP A 20 -6.00 7.19 -7.52
N THR A 21 -6.95 7.30 -6.59
CA THR A 21 -8.34 7.54 -6.97
C THR A 21 -8.60 9.02 -7.21
N MET A 22 -9.76 9.33 -7.77
CA MET A 22 -10.13 10.71 -8.06
C MET A 22 -9.79 11.62 -6.88
N ARG A 23 -10.42 11.34 -5.72
CA ARG A 23 -10.18 12.14 -4.53
C ARG A 23 -8.70 12.45 -4.36
N GLY A 24 -7.86 11.46 -4.65
CA GLY A 24 -6.42 11.64 -4.53
C GLY A 24 -5.81 10.73 -3.49
N ARG A 25 -6.47 9.60 -3.23
CA ARG A 25 -5.98 8.64 -2.25
C ARG A 25 -5.21 7.51 -2.92
N LYS A 26 -4.10 7.10 -2.29
CA LYS A 26 -3.27 6.03 -2.84
C LYS A 26 -3.64 4.69 -2.21
N TYR A 27 -4.17 3.79 -3.02
CA TYR A 27 -4.56 2.46 -2.53
C TYR A 27 -3.80 1.37 -3.26
N TYR A 28 -3.46 0.31 -2.54
CA TYR A 28 -2.72 -0.81 -3.11
C TYR A 28 -3.64 -2.00 -3.37
N ILE A 29 -3.63 -2.49 -4.60
CA ILE A 29 -4.45 -3.63 -4.98
C ILE A 29 -3.67 -4.93 -4.92
N ASP A 30 -4.30 -5.96 -4.36
CA ASP A 30 -3.65 -7.26 -4.24
C ASP A 30 -4.23 -8.25 -5.25
N HIS A 31 -3.42 -8.59 -6.25
CA HIS A 31 -3.85 -9.53 -7.29
C HIS A 31 -3.71 -10.96 -6.82
N ASN A 32 -2.84 -11.18 -5.83
CA ASN A 32 -2.61 -12.51 -5.28
C ASN A 32 -3.79 -12.96 -4.43
N THR A 33 -4.41 -12.01 -3.74
CA THR A 33 -5.55 -12.30 -2.88
C THR A 33 -6.82 -11.64 -3.41
N ASN A 34 -6.66 -10.70 -4.34
CA ASN A 34 -7.79 -9.99 -4.92
C ASN A 34 -8.44 -9.05 -3.90
N THR A 35 -7.60 -8.32 -3.17
CA THR A 35 -8.08 -7.39 -2.17
C THR A 35 -7.23 -6.12 -2.15
N THR A 36 -7.86 -5.00 -1.78
CA THR A 36 -7.16 -3.72 -1.73
C THR A 36 -6.76 -3.38 -0.30
N HIS A 37 -5.85 -2.41 -0.16
CA HIS A 37 -5.39 -1.99 1.15
C HIS A 37 -4.91 -0.55 1.12
N TRP A 38 -5.36 0.24 2.10
CA TRP A 38 -4.98 1.65 2.19
C TRP A 38 -3.52 1.80 2.59
N SER A 39 -3.03 0.84 3.37
CA SER A 39 -1.64 0.87 3.83
C SER A 39 -0.78 -0.10 3.02
N HIS A 40 0.53 0.07 3.11
CA HIS A 40 1.47 -0.79 2.40
C HIS A 40 1.54 -2.18 3.04
N PRO A 41 1.63 -3.22 2.21
CA PRO A 41 1.71 -4.61 2.69
C PRO A 41 3.04 -4.92 3.36
N LEU A 42 4.09 -4.21 2.93
CA LEU A 42 5.42 -4.40 3.49
C LEU A 42 5.60 -3.57 4.76
N GLU A 43 4.91 -2.44 4.83
CA GLU A 43 4.99 -1.56 5.99
C GLU A 43 4.91 -2.36 7.29
N SER A 44 3.76 -3.01 7.50
CA SER A 44 3.54 -3.80 8.71
C SER A 44 4.39 -5.08 8.67
N GLY A 45 4.61 -5.65 9.85
CA GLY A 45 5.41 -6.87 9.93
C GLY A 45 5.55 -7.37 11.35
N PRO A 46 6.01 -8.62 11.51
CA PRO A 46 6.20 -9.23 12.82
C PRO A 46 7.36 -8.62 13.59
N SER A 47 7.99 -7.61 12.99
CA SER A 47 9.11 -6.93 13.62
C SER A 47 8.65 -5.74 14.45
N SER A 48 8.97 -5.75 15.74
CA SER A 48 8.59 -4.68 16.64
C SER A 48 9.63 -4.48 17.74
N GLY A 49 9.85 -3.23 18.11
CA GLY A 49 10.83 -2.94 19.14
C GLY A 49 10.49 -1.67 19.91
N GLY A 1 11.14 11.29 9.40
CA GLY A 1 10.36 11.93 10.45
C GLY A 1 8.87 11.66 10.32
N SER A 2 8.10 12.15 11.28
CA SER A 2 6.65 11.96 11.27
C SER A 2 6.07 12.32 9.91
N SER A 3 5.35 11.38 9.32
CA SER A 3 4.73 11.59 8.01
C SER A 3 3.34 10.95 7.95
N GLY A 4 2.53 11.42 7.00
CA GLY A 4 1.19 10.88 6.86
C GLY A 4 1.18 9.43 6.42
N SER A 5 -0.01 8.83 6.36
CA SER A 5 -0.14 7.44 5.95
C SER A 5 0.63 7.18 4.66
N SER A 6 0.24 7.87 3.59
CA SER A 6 0.89 7.70 2.30
C SER A 6 2.26 8.37 2.30
N GLY A 7 3.09 7.98 1.32
CA GLY A 7 4.42 8.55 1.22
C GLY A 7 5.49 7.49 1.04
N GLU A 8 5.31 6.35 1.68
CA GLU A 8 6.27 5.25 1.59
C GLU A 8 6.04 4.45 0.30
N ASP A 9 6.84 4.75 -0.72
CA ASP A 9 6.74 4.06 -2.00
C ASP A 9 7.54 2.77 -1.99
N LEU A 10 7.55 2.09 -0.85
CA LEU A 10 8.29 0.84 -0.71
C LEU A 10 8.12 -0.04 -1.94
N PRO A 11 9.08 -0.95 -2.15
CA PRO A 11 9.05 -1.87 -3.30
C PRO A 11 7.95 -2.93 -3.16
N LEU A 12 6.74 -2.57 -3.60
CA LEU A 12 5.62 -3.48 -3.53
C LEU A 12 6.01 -4.88 -4.01
N PRO A 13 5.39 -5.90 -3.43
CA PRO A 13 5.65 -7.30 -3.78
C PRO A 13 5.12 -7.66 -5.17
N PRO A 14 5.54 -8.83 -5.68
CA PRO A 14 5.12 -9.31 -7.00
C PRO A 14 3.64 -9.70 -7.03
N GLY A 15 2.84 -8.89 -7.72
CA GLY A 15 1.43 -9.17 -7.83
C GLY A 15 0.57 -8.02 -7.33
N TRP A 16 1.21 -7.05 -6.67
CA TRP A 16 0.49 -5.89 -6.14
C TRP A 16 0.62 -4.70 -7.09
N SER A 17 -0.29 -3.74 -6.96
CA SER A 17 -0.27 -2.55 -7.81
C SER A 17 -1.00 -1.39 -7.12
N VAL A 18 -0.32 -0.26 -7.05
CA VAL A 18 -0.89 0.94 -6.43
C VAL A 18 -1.61 1.80 -7.45
N ASP A 19 -2.65 2.50 -7.00
CA ASP A 19 -3.42 3.38 -7.88
C ASP A 19 -4.06 4.52 -7.09
N TRP A 20 -4.09 5.70 -7.68
CA TRP A 20 -4.67 6.87 -7.03
C TRP A 20 -6.11 7.07 -7.48
N THR A 21 -7.02 7.21 -6.50
CA THR A 21 -8.43 7.41 -6.79
C THR A 21 -8.72 8.85 -7.17
N MET A 22 -9.88 9.08 -7.76
CA MET A 22 -10.27 10.43 -8.17
C MET A 22 -9.94 11.44 -7.09
N ARG A 23 -10.46 11.23 -5.89
CA ARG A 23 -10.21 12.14 -4.77
C ARG A 23 -8.74 12.48 -4.67
N GLY A 24 -7.89 11.45 -4.75
CA GLY A 24 -6.45 11.67 -4.66
C GLY A 24 -5.80 10.80 -3.61
N ARG A 25 -6.42 9.66 -3.31
CA ARG A 25 -5.90 8.73 -2.31
C ARG A 25 -5.16 7.58 -2.99
N LYS A 26 -4.04 7.18 -2.39
CA LYS A 26 -3.24 6.09 -2.93
C LYS A 26 -3.58 4.77 -2.23
N TYR A 27 -4.02 3.79 -3.01
CA TYR A 27 -4.39 2.48 -2.47
C TYR A 27 -3.65 1.37 -3.21
N TYR A 28 -3.34 0.30 -2.48
CA TYR A 28 -2.64 -0.83 -3.06
C TYR A 28 -3.59 -2.00 -3.31
N ILE A 29 -3.58 -2.53 -4.53
CA ILE A 29 -4.44 -3.65 -4.89
C ILE A 29 -3.67 -4.96 -4.92
N ASP A 30 -4.28 -6.01 -4.40
CA ASP A 30 -3.64 -7.33 -4.38
C ASP A 30 -4.27 -8.26 -5.41
N HIS A 31 -3.53 -8.54 -6.48
CA HIS A 31 -4.01 -9.41 -7.55
C HIS A 31 -3.87 -10.87 -7.14
N ASN A 32 -3.07 -11.13 -6.12
CA ASN A 32 -2.84 -12.49 -5.64
C ASN A 32 -3.99 -12.93 -4.73
N THR A 33 -4.50 -12.01 -3.92
CA THR A 33 -5.59 -12.31 -3.01
C THR A 33 -6.87 -11.60 -3.43
N ASN A 34 -6.73 -10.59 -4.28
CA ASN A 34 -7.88 -9.83 -4.76
C ASN A 34 -8.45 -8.94 -3.66
N THR A 35 -7.57 -8.20 -2.99
CA THR A 35 -7.98 -7.30 -1.92
C THR A 35 -7.19 -6.00 -1.95
N THR A 36 -7.79 -4.93 -1.43
CA THR A 36 -7.14 -3.63 -1.41
C THR A 36 -6.71 -3.26 0.00
N HIS A 37 -5.68 -2.43 0.10
CA HIS A 37 -5.17 -2.00 1.40
C HIS A 37 -4.71 -0.54 1.35
N TRP A 38 -5.24 0.27 2.25
CA TRP A 38 -4.87 1.69 2.30
C TRP A 38 -3.39 1.86 2.60
N SER A 39 -2.86 1.00 3.47
CA SER A 39 -1.45 1.07 3.84
C SER A 39 -0.64 0.05 3.06
N HIS A 40 0.68 0.22 3.07
CA HIS A 40 1.58 -0.69 2.36
C HIS A 40 1.54 -2.08 2.98
N PRO A 41 1.57 -3.12 2.13
CA PRO A 41 1.55 -4.51 2.58
C PRO A 41 2.84 -4.92 3.28
N LEU A 42 3.94 -4.24 2.94
CA LEU A 42 5.24 -4.54 3.53
C LEU A 42 5.42 -3.78 4.84
N GLU A 43 4.81 -2.59 4.92
CA GLU A 43 4.91 -1.77 6.11
C GLU A 43 4.35 -2.49 7.32
N SER A 44 3.08 -2.89 7.25
CA SER A 44 2.43 -3.59 8.35
C SER A 44 1.74 -4.85 7.84
N GLY A 45 2.09 -5.99 8.44
CA GLY A 45 1.48 -7.25 8.04
C GLY A 45 2.19 -8.45 8.66
N PRO A 46 1.42 -9.50 8.96
CA PRO A 46 1.95 -10.73 9.56
C PRO A 46 2.82 -11.52 8.58
N SER A 47 3.70 -12.35 9.13
CA SER A 47 4.60 -13.16 8.31
C SER A 47 4.02 -14.55 8.09
N SER A 48 3.09 -14.66 7.16
CA SER A 48 2.45 -15.94 6.86
C SER A 48 2.93 -16.47 5.50
N GLY A 49 3.78 -17.49 5.55
CA GLY A 49 4.30 -18.07 4.32
C GLY A 49 3.19 -18.43 3.33
N GLY A 1 -0.60 6.51 15.97
CA GLY A 1 -1.37 6.67 14.76
C GLY A 1 -0.86 7.80 13.89
N SER A 2 -1.35 7.88 12.67
CA SER A 2 -0.93 8.92 11.73
C SER A 2 -2.13 9.54 11.03
N SER A 3 -2.07 10.85 10.80
CA SER A 3 -3.15 11.56 10.14
C SER A 3 -2.79 11.87 8.69
N GLY A 4 -1.63 12.48 8.50
CA GLY A 4 -1.18 12.82 7.15
C GLY A 4 -0.31 11.75 6.54
N SER A 5 -0.95 10.74 5.94
CA SER A 5 -0.22 9.65 5.31
C SER A 5 0.99 10.16 4.53
N SER A 6 2.10 9.44 4.64
CA SER A 6 3.32 9.82 3.95
C SER A 6 3.73 8.78 2.92
N GLY A 7 3.88 7.54 3.37
CA GLY A 7 4.27 6.46 2.47
C GLY A 7 5.72 6.54 2.05
N GLU A 8 6.34 5.38 1.89
CA GLU A 8 7.75 5.33 1.49
C GLU A 8 7.90 4.62 0.15
N ASP A 9 6.83 4.62 -0.64
CA ASP A 9 6.85 3.98 -1.95
C ASP A 9 7.65 2.70 -1.92
N LEU A 10 7.56 1.96 -0.81
CA LEU A 10 8.29 0.71 -0.65
C LEU A 10 8.15 -0.16 -1.90
N PRO A 11 9.11 -1.08 -2.08
CA PRO A 11 9.13 -1.99 -3.23
C PRO A 11 8.01 -3.03 -3.15
N LEU A 12 6.82 -2.64 -3.59
CA LEU A 12 5.66 -3.53 -3.57
C LEU A 12 6.04 -4.91 -4.09
N PRO A 13 5.43 -5.96 -3.51
CA PRO A 13 5.69 -7.34 -3.91
C PRO A 13 5.13 -7.66 -5.29
N PRO A 14 5.52 -8.82 -5.84
CA PRO A 14 5.08 -9.27 -7.16
C PRO A 14 3.60 -9.66 -7.17
N GLY A 15 2.78 -8.84 -7.82
CA GLY A 15 1.36 -9.12 -7.90
C GLY A 15 0.52 -7.95 -7.42
N TRP A 16 1.14 -7.02 -6.72
CA TRP A 16 0.45 -5.86 -6.19
C TRP A 16 0.55 -4.68 -7.16
N SER A 17 -0.37 -3.73 -7.03
CA SER A 17 -0.39 -2.56 -7.90
C SER A 17 -1.08 -1.38 -7.20
N VAL A 18 -0.36 -0.26 -7.12
CA VAL A 18 -0.90 0.93 -6.49
C VAL A 18 -1.59 1.84 -7.52
N ASP A 19 -2.64 2.53 -7.07
CA ASP A 19 -3.38 3.43 -7.94
C ASP A 19 -4.02 4.55 -7.15
N TRP A 20 -4.05 5.75 -7.72
CA TRP A 20 -4.64 6.91 -7.07
C TRP A 20 -6.08 7.11 -7.50
N THR A 21 -6.98 7.23 -6.52
CA THR A 21 -8.40 7.43 -6.81
C THR A 21 -8.68 8.88 -7.17
N MET A 22 -9.88 9.13 -7.69
CA MET A 22 -10.28 10.47 -8.08
C MET A 22 -9.95 11.47 -6.97
N ARG A 23 -10.49 11.25 -5.79
CA ARG A 23 -10.25 12.15 -4.66
C ARG A 23 -8.76 12.48 -4.55
N GLY A 24 -7.91 11.49 -4.75
CA GLY A 24 -6.48 11.71 -4.67
C GLY A 24 -5.82 10.84 -3.61
N ARG A 25 -6.41 9.68 -3.33
CA ARG A 25 -5.87 8.77 -2.33
C ARG A 25 -5.14 7.62 -3.00
N LYS A 26 -4.02 7.21 -2.41
CA LYS A 26 -3.22 6.12 -2.95
C LYS A 26 -3.57 4.80 -2.27
N TYR A 27 -4.03 3.84 -3.05
CA TYR A 27 -4.41 2.53 -2.52
C TYR A 27 -3.69 1.41 -3.27
N TYR A 28 -3.34 0.35 -2.55
CA TYR A 28 -2.64 -0.78 -3.14
C TYR A 28 -3.60 -1.94 -3.39
N ILE A 29 -3.53 -2.51 -4.58
CA ILE A 29 -4.39 -3.64 -4.94
C ILE A 29 -3.61 -4.95 -4.92
N ASP A 30 -4.23 -5.99 -4.38
CA ASP A 30 -3.60 -7.31 -4.31
C ASP A 30 -4.25 -8.27 -5.30
N HIS A 31 -3.51 -8.57 -6.37
CA HIS A 31 -4.01 -9.48 -7.40
C HIS A 31 -3.88 -10.93 -6.95
N ASN A 32 -2.96 -11.19 -6.02
CA ASN A 32 -2.74 -12.53 -5.50
C ASN A 32 -3.87 -12.94 -4.55
N THR A 33 -4.37 -11.98 -3.79
CA THR A 33 -5.45 -12.23 -2.85
C THR A 33 -6.75 -11.58 -3.29
N ASN A 34 -6.64 -10.63 -4.22
CA ASN A 34 -7.80 -9.93 -4.73
C ASN A 34 -8.40 -9.01 -3.67
N THR A 35 -7.55 -8.26 -2.99
CA THR A 35 -7.99 -7.35 -1.95
C THR A 35 -7.18 -6.05 -1.98
N THR A 36 -7.78 -4.97 -1.47
CA THR A 36 -7.12 -3.68 -1.44
C THR A 36 -6.68 -3.33 -0.02
N HIS A 37 -5.68 -2.46 0.08
CA HIS A 37 -5.16 -2.03 1.37
C HIS A 37 -4.72 -0.57 1.33
N TRP A 38 -5.27 0.22 2.24
CA TRP A 38 -4.94 1.64 2.31
C TRP A 38 -3.44 1.84 2.59
N SER A 39 -2.90 1.01 3.47
CA SER A 39 -1.49 1.09 3.82
C SER A 39 -0.67 0.05 3.06
N HIS A 40 0.65 0.24 3.02
CA HIS A 40 1.54 -0.68 2.33
C HIS A 40 1.50 -2.06 2.97
N PRO A 41 1.54 -3.10 2.14
CA PRO A 41 1.51 -4.50 2.61
C PRO A 41 2.80 -4.90 3.31
N LEU A 42 3.88 -4.19 2.99
CA LEU A 42 5.18 -4.48 3.60
C LEU A 42 5.34 -3.75 4.93
N GLU A 43 4.72 -2.58 5.02
CA GLU A 43 4.78 -1.77 6.24
C GLU A 43 4.02 -2.45 7.38
N SER A 44 2.82 -2.96 7.07
CA SER A 44 2.00 -3.63 8.06
C SER A 44 2.75 -4.78 8.72
N GLY A 45 3.33 -5.64 7.89
CA GLY A 45 4.07 -6.78 8.40
C GLY A 45 3.88 -8.03 7.56
N PRO A 46 4.65 -8.14 6.47
CA PRO A 46 4.58 -9.29 5.56
C PRO A 46 5.11 -10.57 6.20
N SER A 47 4.88 -11.69 5.54
CA SER A 47 5.34 -12.98 6.04
C SER A 47 6.82 -12.93 6.42
N SER A 48 7.12 -13.34 7.65
CA SER A 48 8.49 -13.33 8.14
C SER A 48 9.33 -14.40 7.43
N GLY A 49 8.86 -15.64 7.48
CA GLY A 49 9.57 -16.73 6.84
C GLY A 49 9.26 -18.08 7.46
N GLY A 1 7.51 16.06 12.31
CA GLY A 1 8.80 16.38 11.72
C GLY A 1 8.67 16.89 10.30
N SER A 2 9.34 16.22 9.37
CA SER A 2 9.29 16.62 7.96
C SER A 2 8.06 16.06 7.28
N SER A 3 7.86 16.45 6.02
CA SER A 3 6.71 15.99 5.25
C SER A 3 6.84 14.52 4.90
N GLY A 4 5.71 13.87 4.62
CA GLY A 4 5.73 12.46 4.27
C GLY A 4 5.65 11.57 5.49
N SER A 5 4.46 11.07 5.77
CA SER A 5 4.25 10.20 6.93
C SER A 5 3.38 9.00 6.56
N SER A 6 3.81 7.81 6.98
CA SER A 6 3.07 6.58 6.69
C SER A 6 3.09 6.29 5.19
N GLY A 7 4.25 6.49 4.56
CA GLY A 7 4.37 6.25 3.14
C GLY A 7 5.80 6.38 2.65
N GLU A 8 6.36 5.28 2.17
CA GLU A 8 7.73 5.27 1.66
C GLU A 8 7.80 4.64 0.27
N ASP A 9 6.66 4.57 -0.39
CA ASP A 9 6.59 3.99 -1.73
C ASP A 9 7.44 2.72 -1.81
N LEU A 10 7.46 1.96 -0.73
CA LEU A 10 8.23 0.71 -0.68
C LEU A 10 8.01 -0.11 -1.94
N PRO A 11 8.98 -0.98 -2.25
CA PRO A 11 8.93 -1.85 -3.44
C PRO A 11 7.86 -2.92 -3.31
N LEU A 12 6.62 -2.58 -3.66
CA LEU A 12 5.52 -3.52 -3.58
C LEU A 12 5.94 -4.91 -4.06
N PRO A 13 5.35 -5.95 -3.47
CA PRO A 13 5.65 -7.35 -3.83
C PRO A 13 5.13 -7.71 -5.21
N PRO A 14 5.58 -8.86 -5.73
CA PRO A 14 5.17 -9.36 -7.04
C PRO A 14 3.72 -9.80 -7.07
N GLY A 15 2.85 -8.93 -7.58
CA GLY A 15 1.44 -9.25 -7.65
C GLY A 15 0.56 -8.12 -7.16
N TRP A 16 1.18 -7.03 -6.72
CA TRP A 16 0.45 -5.88 -6.22
C TRP A 16 0.57 -4.70 -7.18
N SER A 17 -0.30 -3.70 -7.00
CA SER A 17 -0.31 -2.52 -7.85
C SER A 17 -0.99 -1.35 -7.16
N VAL A 18 -0.30 -0.22 -7.11
CA VAL A 18 -0.85 0.98 -6.47
C VAL A 18 -1.55 1.87 -7.49
N ASP A 19 -2.61 2.54 -7.05
CA ASP A 19 -3.38 3.42 -7.92
C ASP A 19 -4.04 4.53 -7.12
N TRP A 20 -4.03 5.73 -7.67
CA TRP A 20 -4.64 6.88 -7.00
C TRP A 20 -6.09 7.06 -7.42
N THR A 21 -6.97 7.25 -6.44
CA THR A 21 -8.39 7.43 -6.72
C THR A 21 -8.70 8.87 -7.13
N MET A 22 -9.88 9.09 -7.68
CA MET A 22 -10.30 10.42 -8.12
C MET A 22 -10.02 11.45 -7.03
N ARG A 23 -10.47 11.15 -5.81
CA ARG A 23 -10.28 12.06 -4.68
C ARG A 23 -8.82 12.45 -4.55
N GLY A 24 -7.93 11.47 -4.74
CA GLY A 24 -6.50 11.73 -4.62
C GLY A 24 -5.83 10.86 -3.59
N ARG A 25 -6.44 9.72 -3.29
CA ARG A 25 -5.89 8.80 -2.30
C ARG A 25 -5.16 7.65 -2.98
N LYS A 26 -4.03 7.25 -2.39
CA LYS A 26 -3.22 6.16 -2.94
C LYS A 26 -3.57 4.84 -2.26
N TYR A 27 -4.02 3.88 -3.04
CA TYR A 27 -4.39 2.56 -2.51
C TYR A 27 -3.66 1.46 -3.27
N TYR A 28 -3.33 0.38 -2.56
CA TYR A 28 -2.63 -0.75 -3.15
C TYR A 28 -3.60 -1.90 -3.43
N ILE A 29 -3.42 -2.55 -4.58
CA ILE A 29 -4.27 -3.67 -4.97
C ILE A 29 -3.49 -4.98 -4.95
N ASP A 30 -4.10 -6.02 -4.39
CA ASP A 30 -3.47 -7.33 -4.32
C ASP A 30 -4.11 -8.30 -5.30
N HIS A 31 -3.43 -8.55 -6.41
CA HIS A 31 -3.95 -9.46 -7.43
C HIS A 31 -3.77 -10.91 -7.00
N ASN A 32 -3.00 -11.12 -5.93
CA ASN A 32 -2.76 -12.46 -5.42
C ASN A 32 -3.90 -12.91 -4.51
N THR A 33 -4.52 -11.95 -3.82
CA THR A 33 -5.62 -12.26 -2.92
C THR A 33 -6.87 -11.48 -3.32
N ASN A 34 -6.74 -10.61 -4.31
CA ASN A 34 -7.86 -9.81 -4.79
C ASN A 34 -8.43 -8.94 -3.67
N THR A 35 -7.55 -8.21 -2.99
CA THR A 35 -7.96 -7.34 -1.90
C THR A 35 -7.19 -6.02 -1.94
N THR A 36 -7.81 -4.97 -1.40
CA THR A 36 -7.19 -3.65 -1.37
C THR A 36 -6.67 -3.32 0.03
N HIS A 37 -5.72 -2.39 0.10
CA HIS A 37 -5.15 -1.98 1.37
C HIS A 37 -4.69 -0.52 1.32
N TRP A 38 -5.16 0.28 2.25
CA TRP A 38 -4.80 1.69 2.31
C TRP A 38 -3.31 1.86 2.62
N SER A 39 -2.77 0.95 3.42
CA SER A 39 -1.37 1.00 3.80
C SER A 39 -0.56 -0.02 2.99
N HIS A 40 0.76 0.19 2.94
CA HIS A 40 1.65 -0.70 2.21
C HIS A 40 1.59 -2.11 2.79
N PRO A 41 1.61 -3.12 1.90
CA PRO A 41 1.56 -4.53 2.30
C PRO A 41 2.85 -4.98 2.99
N LEU A 42 3.88 -4.13 2.93
CA LEU A 42 5.16 -4.44 3.55
C LEU A 42 5.33 -3.68 4.86
N GLU A 43 4.44 -2.72 5.10
CA GLU A 43 4.49 -1.91 6.31
C GLU A 43 3.67 -2.56 7.42
N SER A 44 4.31 -3.38 8.24
CA SER A 44 3.64 -4.06 9.33
C SER A 44 4.59 -4.29 10.51
N GLY A 45 4.05 -4.28 11.72
CA GLY A 45 4.86 -4.49 12.90
C GLY A 45 4.51 -5.77 13.63
N PRO A 46 5.07 -6.89 13.18
CA PRO A 46 4.82 -8.20 13.77
C PRO A 46 5.46 -8.33 15.15
N SER A 47 6.32 -7.39 15.50
CA SER A 47 7.01 -7.40 16.78
C SER A 47 6.13 -6.79 17.87
N SER A 48 6.41 -7.14 19.12
CA SER A 48 5.64 -6.64 20.26
C SER A 48 6.52 -6.52 21.49
N GLY A 49 6.03 -5.79 22.49
CA GLY A 49 6.78 -5.60 23.72
C GLY A 49 7.95 -4.66 23.55
N GLY A 1 -8.94 13.51 8.76
CA GLY A 1 -8.23 12.94 7.62
C GLY A 1 -6.77 13.33 7.59
N SER A 2 -5.99 12.62 6.79
CA SER A 2 -4.56 12.88 6.68
C SER A 2 -3.97 12.20 5.44
N SER A 3 -2.97 12.84 4.84
CA SER A 3 -2.33 12.30 3.65
C SER A 3 -0.85 12.03 3.90
N GLY A 4 -0.26 11.17 3.08
CA GLY A 4 1.15 10.84 3.24
C GLY A 4 1.52 10.56 4.68
N SER A 5 1.13 9.39 5.18
CA SER A 5 1.42 9.00 6.55
C SER A 5 2.53 7.97 6.60
N SER A 6 2.31 6.84 5.91
CA SER A 6 3.29 5.76 5.88
C SER A 6 3.20 5.00 4.56
N GLY A 7 4.25 5.10 3.75
CA GLY A 7 4.27 4.42 2.48
C GLY A 7 5.67 4.28 1.91
N GLU A 8 6.45 5.35 2.01
CA GLU A 8 7.81 5.35 1.51
C GLU A 8 7.90 4.61 0.18
N ASP A 9 6.80 4.60 -0.57
CA ASP A 9 6.75 3.93 -1.86
C ASP A 9 7.58 2.65 -1.84
N LEU A 10 7.48 1.91 -0.73
CA LEU A 10 8.22 0.66 -0.59
C LEU A 10 8.08 -0.20 -1.84
N PRO A 11 9.05 -1.11 -2.03
CA PRO A 11 9.06 -2.02 -3.19
C PRO A 11 7.95 -3.07 -3.11
N LEU A 12 6.76 -2.69 -3.56
CA LEU A 12 5.61 -3.60 -3.55
C LEU A 12 6.00 -4.97 -4.07
N PRO A 13 5.39 -6.03 -3.50
CA PRO A 13 5.66 -7.41 -3.89
C PRO A 13 5.12 -7.72 -5.29
N PRO A 14 5.51 -8.89 -5.82
CA PRO A 14 5.06 -9.33 -7.15
C PRO A 14 3.59 -9.71 -7.18
N GLY A 15 2.78 -8.88 -7.81
CA GLY A 15 1.35 -9.13 -7.89
C GLY A 15 0.51 -7.98 -7.37
N TRP A 16 1.17 -7.00 -6.75
CA TRP A 16 0.49 -5.84 -6.21
C TRP A 16 0.62 -4.65 -7.15
N SER A 17 -0.32 -3.70 -7.03
CA SER A 17 -0.31 -2.51 -7.87
C SER A 17 -1.02 -1.35 -7.18
N VAL A 18 -0.31 -0.23 -7.04
CA VAL A 18 -0.86 0.95 -6.39
C VAL A 18 -1.52 1.88 -7.41
N ASP A 19 -2.61 2.53 -7.01
CA ASP A 19 -3.33 3.44 -7.89
C ASP A 19 -3.98 4.56 -7.08
N TRP A 20 -4.04 5.74 -7.68
CA TRP A 20 -4.64 6.90 -7.02
C TRP A 20 -6.07 7.12 -7.51
N THR A 21 -7.01 7.20 -6.57
CA THR A 21 -8.41 7.41 -6.91
C THR A 21 -8.68 8.87 -7.23
N MET A 22 -9.85 9.14 -7.79
CA MET A 22 -10.24 10.50 -8.16
C MET A 22 -9.89 11.48 -7.04
N ARG A 23 -10.47 11.26 -5.85
CA ARG A 23 -10.23 12.12 -4.71
C ARG A 23 -8.75 12.45 -4.59
N GLY A 24 -7.91 11.42 -4.68
CA GLY A 24 -6.48 11.62 -4.57
C GLY A 24 -5.85 10.75 -3.50
N ARG A 25 -6.45 9.60 -3.24
CA ARG A 25 -5.94 8.68 -2.24
C ARG A 25 -5.14 7.55 -2.88
N LYS A 26 -4.06 7.15 -2.22
CA LYS A 26 -3.21 6.07 -2.73
C LYS A 26 -3.58 4.74 -2.09
N TYR A 27 -4.04 3.80 -2.91
CA TYR A 27 -4.43 2.48 -2.42
C TYR A 27 -3.70 1.38 -3.20
N TYR A 28 -3.33 0.33 -2.49
CA TYR A 28 -2.63 -0.79 -3.12
C TYR A 28 -3.58 -1.96 -3.38
N ILE A 29 -3.53 -2.49 -4.60
CA ILE A 29 -4.39 -3.60 -4.98
C ILE A 29 -3.62 -4.91 -4.96
N ASP A 30 -4.25 -5.95 -4.40
CA ASP A 30 -3.62 -7.27 -4.32
C ASP A 30 -4.26 -8.24 -5.31
N HIS A 31 -3.55 -8.54 -6.38
CA HIS A 31 -4.05 -9.45 -7.41
C HIS A 31 -3.88 -10.90 -6.97
N ASN A 32 -3.02 -11.12 -5.98
CA ASN A 32 -2.76 -12.45 -5.47
C ASN A 32 -3.90 -12.93 -4.58
N THR A 33 -4.46 -12.01 -3.81
CA THR A 33 -5.56 -12.34 -2.91
C THR A 33 -6.85 -11.63 -3.34
N ASN A 34 -6.72 -10.69 -4.27
CA ASN A 34 -7.86 -9.94 -4.77
C ASN A 34 -8.43 -9.03 -3.68
N THR A 35 -7.55 -8.30 -3.00
CA THR A 35 -7.95 -7.40 -1.93
C THR A 35 -7.16 -6.10 -1.98
N THR A 36 -7.75 -5.03 -1.48
CA THR A 36 -7.10 -3.72 -1.45
C THR A 36 -6.66 -3.34 -0.05
N HIS A 37 -5.66 -2.48 0.04
CA HIS A 37 -5.13 -2.04 1.32
C HIS A 37 -4.70 -0.58 1.26
N TRP A 38 -5.24 0.23 2.17
CA TRP A 38 -4.92 1.65 2.22
C TRP A 38 -3.43 1.86 2.51
N SER A 39 -2.89 1.03 3.40
CA SER A 39 -1.48 1.13 3.77
C SER A 39 -0.66 0.09 3.03
N HIS A 40 0.65 0.32 2.95
CA HIS A 40 1.55 -0.60 2.27
C HIS A 40 1.52 -1.98 2.92
N PRO A 41 1.57 -3.02 2.08
CA PRO A 41 1.54 -4.41 2.56
C PRO A 41 2.83 -4.80 3.27
N LEU A 42 3.91 -4.11 2.94
CA LEU A 42 5.21 -4.38 3.55
C LEU A 42 5.38 -3.59 4.85
N GLU A 43 4.79 -2.41 4.89
CA GLU A 43 4.87 -1.55 6.07
C GLU A 43 4.27 -2.25 7.29
N SER A 44 3.09 -2.82 7.11
CA SER A 44 2.40 -3.52 8.20
C SER A 44 1.79 -4.83 7.71
N GLY A 45 1.97 -5.89 8.49
CA GLY A 45 1.42 -7.18 8.12
C GLY A 45 1.91 -8.30 9.02
N PRO A 46 1.05 -9.30 9.24
CA PRO A 46 1.38 -10.44 10.09
C PRO A 46 2.44 -11.35 9.46
N SER A 47 2.69 -11.15 8.18
CA SER A 47 3.66 -11.95 7.45
C SER A 47 4.80 -11.07 6.92
N SER A 48 6.03 -11.50 7.17
CA SER A 48 7.20 -10.75 6.72
C SER A 48 7.04 -10.32 5.26
N GLY A 49 6.64 -11.26 4.41
CA GLY A 49 6.46 -10.96 3.00
C GLY A 49 5.04 -10.51 2.69
N GLY A 1 14.89 16.29 0.99
CA GLY A 1 15.82 15.26 1.43
C GLY A 1 15.18 14.28 2.40
N SER A 2 15.19 14.64 3.69
CA SER A 2 14.62 13.77 4.71
C SER A 2 13.40 14.44 5.36
N SER A 3 13.62 15.61 5.95
CA SER A 3 12.54 16.33 6.60
C SER A 3 11.58 16.93 5.57
N GLY A 4 10.53 16.18 5.24
CA GLY A 4 9.56 16.64 4.27
C GLY A 4 9.41 15.70 3.11
N SER A 5 8.67 14.61 3.31
CA SER A 5 8.45 13.62 2.27
C SER A 5 7.25 12.73 2.60
N SER A 6 6.42 12.46 1.59
CA SER A 6 5.25 11.64 1.79
C SER A 6 5.41 10.29 1.08
N GLY A 7 4.89 9.23 1.70
CA GLY A 7 4.98 7.91 1.11
C GLY A 7 6.42 7.48 0.89
N GLU A 8 6.65 6.18 0.91
CA GLU A 8 7.99 5.64 0.72
C GLU A 8 8.06 4.81 -0.57
N ASP A 9 6.95 4.76 -1.30
CA ASP A 9 6.88 4.01 -2.54
C ASP A 9 7.64 2.69 -2.43
N LEU A 10 7.64 2.12 -1.23
CA LEU A 10 8.32 0.85 -0.99
C LEU A 10 8.17 -0.09 -2.18
N PRO A 11 9.14 -1.01 -2.33
CA PRO A 11 9.13 -1.99 -3.42
C PRO A 11 8.03 -3.03 -3.27
N LEU A 12 6.81 -2.65 -3.65
CA LEU A 12 5.67 -3.56 -3.55
C LEU A 12 6.04 -4.96 -4.02
N PRO A 13 5.42 -5.97 -3.40
CA PRO A 13 5.66 -7.38 -3.73
C PRO A 13 5.13 -7.74 -5.11
N PRO A 14 5.51 -8.94 -5.59
CA PRO A 14 5.08 -9.44 -6.90
C PRO A 14 3.61 -9.80 -6.92
N GLY A 15 2.79 -8.95 -7.54
CA GLY A 15 1.37 -9.19 -7.63
C GLY A 15 0.55 -8.04 -7.08
N TRP A 16 1.22 -7.01 -6.61
CA TRP A 16 0.55 -5.84 -6.05
C TRP A 16 0.70 -4.64 -6.97
N SER A 17 -0.26 -3.72 -6.92
CA SER A 17 -0.24 -2.53 -7.75
C SER A 17 -0.99 -1.39 -7.08
N VAL A 18 -0.32 -0.24 -6.95
CA VAL A 18 -0.92 0.93 -6.33
C VAL A 18 -1.58 1.83 -7.37
N ASP A 19 -2.61 2.56 -6.95
CA ASP A 19 -3.33 3.46 -7.84
C ASP A 19 -4.01 4.57 -7.06
N TRP A 20 -4.07 5.76 -7.65
CA TRP A 20 -4.69 6.90 -7.02
C TRP A 20 -6.10 7.13 -7.55
N THR A 21 -7.07 7.26 -6.63
CA THR A 21 -8.45 7.47 -7.01
C THR A 21 -8.73 8.95 -7.29
N MET A 22 -9.89 9.23 -7.86
CA MET A 22 -10.27 10.60 -8.19
C MET A 22 -9.94 11.54 -7.02
N ARG A 23 -10.52 11.26 -5.87
CA ARG A 23 -10.29 12.08 -4.69
C ARG A 23 -8.81 12.42 -4.54
N GLY A 24 -7.96 11.40 -4.69
CA GLY A 24 -6.53 11.61 -4.56
C GLY A 24 -5.92 10.74 -3.48
N ARG A 25 -6.51 9.58 -3.25
CA ARG A 25 -6.02 8.66 -2.23
C ARG A 25 -5.19 7.54 -2.86
N LYS A 26 -4.11 7.16 -2.20
CA LYS A 26 -3.24 6.10 -2.69
C LYS A 26 -3.59 4.76 -2.06
N TYR A 27 -4.13 3.86 -2.86
CA TYR A 27 -4.53 2.54 -2.38
C TYR A 27 -3.80 1.44 -3.15
N TYR A 28 -3.40 0.39 -2.44
CA TYR A 28 -2.70 -0.72 -3.05
C TYR A 28 -3.65 -1.88 -3.36
N ILE A 29 -3.49 -2.48 -4.54
CA ILE A 29 -4.34 -3.59 -4.94
C ILE A 29 -3.57 -4.91 -4.90
N ASP A 30 -4.22 -5.94 -4.38
CA ASP A 30 -3.61 -7.26 -4.28
C ASP A 30 -4.20 -8.22 -5.31
N HIS A 31 -3.40 -8.55 -6.32
CA HIS A 31 -3.84 -9.45 -7.38
C HIS A 31 -3.79 -10.91 -6.91
N ASN A 32 -2.97 -11.16 -5.89
CA ASN A 32 -2.84 -12.51 -5.34
C ASN A 32 -4.00 -12.85 -4.42
N THR A 33 -4.50 -11.84 -3.72
CA THR A 33 -5.60 -12.02 -2.79
C THR A 33 -6.87 -11.33 -3.30
N ASN A 34 -6.72 -10.57 -4.38
CA ASN A 34 -7.86 -9.87 -4.97
C ASN A 34 -8.49 -8.91 -3.95
N THR A 35 -7.64 -8.22 -3.20
CA THR A 35 -8.11 -7.27 -2.20
C THR A 35 -7.26 -6.01 -2.19
N THR A 36 -7.85 -4.90 -1.76
CA THR A 36 -7.15 -3.62 -1.69
C THR A 36 -6.73 -3.30 -0.27
N HIS A 37 -5.80 -2.36 -0.12
CA HIS A 37 -5.32 -1.96 1.19
C HIS A 37 -4.82 -0.52 1.17
N TRP A 38 -5.31 0.29 2.10
CA TRP A 38 -4.91 1.69 2.18
C TRP A 38 -3.44 1.82 2.59
N SER A 39 -2.96 0.86 3.37
CA SER A 39 -1.58 0.86 3.82
C SER A 39 -0.72 -0.09 3.00
N HIS A 40 0.59 0.02 3.13
CA HIS A 40 1.52 -0.83 2.40
C HIS A 40 1.58 -2.23 3.01
N PRO A 41 1.64 -3.25 2.15
CA PRO A 41 1.71 -4.65 2.59
C PRO A 41 3.04 -4.99 3.25
N LEU A 42 4.09 -4.27 2.87
CA LEU A 42 5.42 -4.50 3.43
C LEU A 42 5.60 -3.71 4.72
N GLU A 43 4.91 -2.58 4.82
CA GLU A 43 5.01 -1.74 6.01
C GLU A 43 4.64 -2.53 7.26
N SER A 44 3.42 -3.06 7.29
CA SER A 44 2.96 -3.84 8.43
C SER A 44 2.38 -5.17 7.98
N GLY A 45 3.05 -6.26 8.36
CA GLY A 45 2.59 -7.58 7.98
C GLY A 45 3.16 -8.66 8.87
N PRO A 46 4.32 -9.21 8.47
CA PRO A 46 5.00 -10.27 9.22
C PRO A 46 5.57 -9.77 10.54
N SER A 47 5.91 -10.70 11.42
CA SER A 47 6.47 -10.35 12.73
C SER A 47 7.89 -9.83 12.59
N SER A 48 8.17 -8.70 13.25
CA SER A 48 9.49 -8.10 13.20
C SER A 48 10.19 -8.18 14.56
N GLY A 49 9.51 -7.69 15.59
CA GLY A 49 10.07 -7.72 16.93
C GLY A 49 9.68 -6.51 17.75
#